data_6ZZT
#
_entry.id   6ZZT
#
_cell.length_a   107.386
_cell.length_b   107.386
_cell.length_c   218.571
_cell.angle_alpha   90.000
_cell.angle_beta   90.000
_cell.angle_gamma   90.000
#
_symmetry.space_group_name_H-M   'P 43 21 2'
#
loop_
_entity.id
_entity.type
_entity.pdbx_description
1 polymer 'BORNEOL DEHYDROGENASE'
2 non-polymer 'CHLORIDE ION'
3 non-polymer NICOTINAMIDE-ADENINE-DINUCLEOTIDE
4 water water
#
_entity_poly.entity_id   1
_entity_poly.type   'polypeptide(L)'
_entity_poly.pdbx_seq_one_letter_code
;MGSSHHHHHHSSGLVPRGSHMSCNTAVSRRLEGKVAIVTGGASGIGASTVRLFHDHGAKVVIADIQDDLGQTLADRLGRN
ISYTHCDVTDEDQVRALVDAAVAKHGGVDIMFSNAGIVEGPNSIFDVDKDELERLMGINLVGAFLAAKHAARVMVPAKKG
CIIFTASACTEIAGIAGHSYTASKYGIVGLMKSLAVELGSHGIRANCVSPFGVLTGIVPDDEASKLMFEGIMSKVGNLKG
KILTAEDVAVTVLYLASEEASYVSGVNLLVDGGYTVVNPTFINVITAGQS
;
_entity_poly.pdbx_strand_id   A,B,C,D
#
loop_
_chem_comp.id
_chem_comp.type
_chem_comp.name
_chem_comp.formula
CL non-polymer 'CHLORIDE ION' 'Cl -1'
NAD non-polymer NICOTINAMIDE-ADENINE-DINUCLEOTIDE 'C21 H27 N7 O14 P2'
#
# COMPACT_ATOMS: atom_id res chain seq x y z
N ARG A 29 -2.02 30.13 -17.74
CA ARG A 29 -1.71 30.80 -16.46
C ARG A 29 -2.66 30.35 -15.32
N ARG A 30 -2.30 29.27 -14.62
CA ARG A 30 -3.18 28.66 -13.62
C ARG A 30 -3.05 29.20 -12.21
N LEU A 31 -1.92 29.80 -11.84
CA LEU A 31 -1.70 30.19 -10.44
C LEU A 31 -1.87 31.68 -10.21
N GLU A 32 -2.65 32.36 -11.06
CA GLU A 32 -2.78 33.80 -10.99
C GLU A 32 -3.27 34.28 -9.63
N GLY A 33 -2.53 35.20 -9.03
CA GLY A 33 -2.92 35.73 -7.76
C GLY A 33 -2.64 34.86 -6.57
N LYS A 34 -2.08 33.67 -6.78
CA LYS A 34 -1.76 32.78 -5.68
C LYS A 34 -0.34 33.05 -5.22
N VAL A 35 -0.10 32.84 -3.93
CA VAL A 35 1.17 33.10 -3.26
C VAL A 35 1.77 31.76 -2.82
N ALA A 36 2.99 31.47 -3.28
CA ALA A 36 3.65 30.21 -2.98
C ALA A 36 4.99 30.45 -2.31
N ILE A 37 5.26 29.70 -1.24
CA ILE A 37 6.58 29.61 -0.62
C ILE A 37 7.17 28.29 -1.06
N VAL A 38 8.42 28.29 -1.51
CA VAL A 38 9.12 27.08 -1.94
C VAL A 38 10.42 26.97 -1.16
N THR A 39 10.46 26.12 -0.14
CA THR A 39 11.70 25.86 0.56
C THR A 39 12.61 24.97 -0.29
N GLY A 40 13.92 25.18 -0.15
CA GLY A 40 14.86 24.53 -1.04
C GLY A 40 14.79 24.98 -2.47
N GLY A 41 14.22 26.16 -2.73
CA GLY A 41 13.89 26.68 -4.03
C GLY A 41 14.97 27.42 -4.81
N ALA A 42 16.23 27.43 -4.36
CA ALA A 42 17.27 28.07 -5.15
C ALA A 42 17.85 27.16 -6.24
N SER A 43 17.67 25.85 -6.12
CA SER A 43 18.28 24.92 -7.05
C SER A 43 17.38 23.70 -7.24
N GLY A 44 17.71 22.90 -8.25
CA GLY A 44 17.08 21.61 -8.50
C GLY A 44 15.58 21.71 -8.69
N ILE A 45 14.86 20.76 -8.09
CA ILE A 45 13.41 20.69 -8.25
C ILE A 45 12.75 21.96 -7.73
N GLY A 46 13.22 22.48 -6.59
CA GLY A 46 12.62 23.68 -6.03
C GLY A 46 12.74 24.88 -6.94
N ALA A 47 13.90 25.05 -7.58
CA ALA A 47 14.05 26.13 -8.53
C ALA A 47 13.18 25.92 -9.76
N SER A 48 13.10 24.68 -10.25
CA SER A 48 12.21 24.38 -11.39
C SER A 48 10.76 24.70 -11.07
N THR A 49 10.31 24.39 -9.85
CA THR A 49 8.96 24.76 -9.47
C THR A 49 8.80 26.27 -9.32
N VAL A 50 9.84 26.97 -8.85
CA VAL A 50 9.76 28.43 -8.73
C VAL A 50 9.57 29.07 -10.09
N ARG A 51 10.37 28.68 -11.08
CA ARG A 51 10.23 29.26 -12.41
C ARG A 51 8.87 28.98 -13.01
N LEU A 52 8.41 27.71 -12.92
CA LEU A 52 7.11 27.36 -13.46
C LEU A 52 5.99 28.10 -12.73
N PHE A 53 6.06 28.18 -11.38
CA PHE A 53 5.10 28.97 -10.63
C PHE A 53 5.14 30.43 -11.07
N HIS A 54 6.33 30.94 -11.37
CA HIS A 54 6.44 32.31 -11.85
C HIS A 54 5.72 32.48 -13.19
N ASP A 55 5.94 31.55 -14.12
CA ASP A 55 5.30 31.58 -15.43
C ASP A 55 3.78 31.49 -15.36
N HIS A 56 3.23 30.90 -14.30
CA HIS A 56 1.79 30.79 -14.17
C HIS A 56 1.19 31.89 -13.29
N GLY A 57 1.94 32.97 -13.08
CA GLY A 57 1.38 34.17 -12.50
C GLY A 57 1.33 34.17 -11.01
N ALA A 58 2.09 33.30 -10.37
CA ALA A 58 2.14 33.25 -8.93
C ALA A 58 3.21 34.20 -8.41
N LYS A 59 2.94 34.77 -7.24
CA LYS A 59 3.98 35.35 -6.42
C LYS A 59 4.66 34.24 -5.66
N VAL A 60 5.98 34.17 -5.75
CA VAL A 60 6.75 33.09 -5.14
C VAL A 60 7.77 33.68 -4.18
N VAL A 61 7.85 33.11 -2.98
CA VAL A 61 8.95 33.37 -2.05
C VAL A 61 9.90 32.18 -2.17
N ILE A 62 11.07 32.43 -2.75
CA ILE A 62 12.12 31.42 -2.78
C ILE A 62 12.70 31.32 -1.37
N ALA A 63 12.64 30.13 -0.79
CA ALA A 63 13.21 29.90 0.54
C ALA A 63 14.33 28.89 0.42
N ASP A 64 15.52 29.26 0.87
CA ASP A 64 16.67 28.37 0.80
C ASP A 64 17.75 28.92 1.72
N ILE A 65 18.88 28.21 1.76
CA ILE A 65 20.05 28.63 2.50
C ILE A 65 21.26 28.83 1.62
N GLN A 66 21.10 28.67 0.31
CA GLN A 66 22.13 29.03 -0.66
C GLN A 66 21.83 30.45 -1.12
N ASP A 67 22.42 31.41 -0.42
CA ASP A 67 21.95 32.79 -0.52
C ASP A 67 22.33 33.42 -1.85
N ASP A 68 23.51 33.10 -2.37
CA ASP A 68 23.89 33.68 -3.64
C ASP A 68 22.99 33.16 -4.75
N LEU A 69 22.82 31.84 -4.83
CA LEU A 69 21.92 31.27 -5.84
C LEU A 69 20.49 31.77 -5.66
N GLY A 70 20.01 31.79 -4.41
CA GLY A 70 18.63 32.17 -4.16
C GLY A 70 18.34 33.63 -4.46
N GLN A 71 19.21 34.55 -4.01
CA GLN A 71 18.99 35.97 -4.28
C GLN A 71 19.17 36.30 -5.76
N THR A 72 20.18 35.71 -6.41
CA THR A 72 20.33 35.95 -7.85
C THR A 72 19.10 35.46 -8.62
N LEU A 73 18.56 34.31 -8.24
CA LEU A 73 17.39 33.77 -8.94
C LEU A 73 16.16 34.65 -8.71
N ALA A 74 15.92 35.07 -7.47
CA ALA A 74 14.73 35.87 -7.19
C ALA A 74 14.79 37.23 -7.88
N ASP A 75 16.00 37.78 -8.11
CA ASP A 75 16.13 39.04 -8.82
C ASP A 75 15.92 38.88 -10.32
N ARG A 76 16.51 37.84 -10.91
CA ARG A 76 16.38 37.61 -12.34
C ARG A 76 14.93 37.46 -12.76
N LEU A 77 14.11 36.79 -11.95
CA LEU A 77 12.75 36.47 -12.34
C LEU A 77 11.80 37.67 -12.27
N GLY A 78 12.00 38.59 -11.33
CA GLY A 78 11.24 39.83 -11.47
C GLY A 78 10.53 40.26 -10.20
N ARG A 79 9.50 41.08 -10.39
CA ARG A 79 8.73 41.64 -9.28
C ARG A 79 8.20 40.54 -8.36
N ASN A 80 7.48 39.58 -8.94
CA ASN A 80 6.68 38.64 -8.18
C ASN A 80 7.49 37.54 -7.52
N ILE A 81 8.81 37.52 -7.69
CA ILE A 81 9.68 36.53 -7.06
C ILE A 81 10.65 37.29 -6.15
N SER A 82 10.51 37.10 -4.85
CA SER A 82 11.40 37.63 -3.82
C SER A 82 12.18 36.48 -3.19
N TYR A 83 13.13 36.82 -2.32
CA TYR A 83 13.91 35.80 -1.61
C TYR A 83 13.85 35.98 -0.10
N THR A 84 13.95 34.84 0.60
CA THR A 84 14.03 34.81 2.05
C THR A 84 14.92 33.65 2.46
N HIS A 85 16.06 33.94 3.07
CA HIS A 85 16.92 32.89 3.61
C HIS A 85 16.18 32.18 4.74
N CYS A 86 16.17 30.85 4.73
CA CYS A 86 15.47 30.12 5.79
C CYS A 86 16.05 28.73 5.99
N ASP A 87 16.76 28.56 7.10
CA ASP A 87 17.10 27.23 7.58
C ASP A 87 15.85 26.59 8.20
N VAL A 88 15.35 25.51 7.59
CA VAL A 88 14.09 24.92 8.02
C VAL A 88 14.21 24.25 9.39
N THR A 89 15.42 23.93 9.84
CA THR A 89 15.59 23.40 11.19
C THR A 89 15.43 24.46 12.26
N ASP A 90 15.37 25.74 11.90
CA ASP A 90 15.26 26.84 12.86
C ASP A 90 13.82 27.33 12.81
N GLU A 91 13.02 26.95 13.80
CA GLU A 91 11.61 27.30 13.79
C GLU A 91 11.39 28.81 13.76
N ASP A 92 12.29 29.59 14.36
CA ASP A 92 12.15 31.04 14.38
C ASP A 92 12.33 31.64 12.99
N GLN A 93 13.29 31.14 12.21
CA GLN A 93 13.39 31.56 10.81
C GLN A 93 12.15 31.12 10.03
N VAL A 94 11.65 29.90 10.29
CA VAL A 94 10.51 29.35 9.56
C VAL A 94 9.22 30.07 9.94
N ARG A 95 9.02 30.30 11.22
CA ARG A 95 7.89 31.11 11.66
C ARG A 95 7.94 32.47 10.97
N ALA A 96 9.16 33.00 10.79
CA ALA A 96 9.37 34.29 10.13
C ALA A 96 9.16 34.21 8.63
N LEU A 97 9.60 33.11 8.01
CA LEU A 97 9.45 32.95 6.57
C LEU A 97 8.00 33.11 6.15
N VAL A 98 7.09 32.45 6.87
CA VAL A 98 5.66 32.54 6.58
C VAL A 98 5.13 33.93 6.92
N ASP A 99 5.54 34.47 8.08
CA ASP A 99 5.00 35.76 8.53
C ASP A 99 5.44 36.91 7.63
N ALA A 100 6.68 36.89 7.17
CA ALA A 100 7.13 37.90 6.22
C ALA A 100 6.44 37.72 4.86
N ALA A 101 6.14 36.46 4.50
CA ALA A 101 5.45 36.18 3.24
C ALA A 101 3.99 36.64 3.30
N VAL A 102 3.31 36.38 4.42
CA VAL A 102 1.94 36.86 4.57
C VAL A 102 1.91 38.38 4.57
N ALA A 103 2.89 39.01 5.24
CA ALA A 103 2.95 40.47 5.30
C ALA A 103 3.14 41.07 3.93
N LYS A 104 4.02 40.48 3.11
CA LYS A 104 4.30 41.01 1.78
C LYS A 104 3.14 40.79 0.80
N HIS A 105 2.42 39.66 0.91
CA HIS A 105 1.48 39.28 -0.14
C HIS A 105 0.04 39.02 0.30
N GLY A 106 -0.28 39.03 1.60
CA GLY A 106 -1.63 38.84 2.10
C GLY A 106 -1.94 37.47 2.66
N GLY A 107 -1.20 36.46 2.21
CA GLY A 107 -1.40 35.11 2.70
C GLY A 107 -0.53 34.17 1.92
N VAL A 108 -0.60 32.90 2.28
CA VAL A 108 0.13 31.85 1.60
C VAL A 108 -0.88 30.82 1.09
N ASP A 109 -0.91 30.64 -0.23
CA ASP A 109 -1.79 29.68 -0.91
C ASP A 109 -1.12 28.32 -1.04
N ILE A 110 0.16 28.30 -1.40
CA ILE A 110 0.88 27.06 -1.66
C ILE A 110 2.14 27.07 -0.80
N MET A 111 2.36 25.98 -0.07
CA MET A 111 3.63 25.76 0.63
C MET A 111 4.25 24.50 0.04
N PHE A 112 5.32 24.68 -0.72
CA PHE A 112 6.05 23.57 -1.32
C PHE A 112 7.24 23.29 -0.41
N SER A 113 7.05 22.38 0.55
CA SER A 113 8.11 21.99 1.48
C SER A 113 9.04 21.03 0.73
N ASN A 114 10.03 21.60 0.04
CA ASN A 114 10.95 20.86 -0.81
C ASN A 114 12.36 20.77 -0.25
N ALA A 115 12.74 21.63 0.70
CA ALA A 115 14.09 21.62 1.23
C ALA A 115 14.45 20.27 1.84
N GLY A 116 15.51 19.66 1.33
CA GLY A 116 15.99 18.42 1.93
C GLY A 116 17.38 18.09 1.44
N ILE A 117 17.97 17.10 2.10
CA ILE A 117 19.28 16.57 1.72
C ILE A 117 19.16 15.08 1.43
N VAL A 118 20.04 14.59 0.56
CA VAL A 118 19.90 13.29 -0.06
C VAL A 118 21.00 12.36 0.43
N GLU A 119 20.63 11.10 0.61
CA GLU A 119 21.54 10.01 0.89
C GLU A 119 21.27 8.94 -0.17
N GLY A 120 22.35 8.39 -0.76
CA GLY A 120 22.19 7.28 -1.69
C GLY A 120 22.12 5.95 -0.99
N PRO A 121 21.92 4.86 -1.73
CA PRO A 121 21.87 3.53 -1.11
C PRO A 121 23.14 3.24 -0.31
N ASN A 122 22.96 2.81 0.93
CA ASN A 122 24.08 2.55 1.82
C ASN A 122 23.73 1.39 2.74
N SER A 123 24.57 1.20 3.76
CA SER A 123 24.43 0.16 4.75
C SER A 123 24.07 0.77 6.11
N ILE A 124 23.38 -0.02 6.94
CA ILE A 124 23.05 0.41 8.29
C ILE A 124 24.31 0.57 9.13
N PHE A 125 25.43 0.00 8.71
CA PHE A 125 26.68 0.19 9.43
C PHE A 125 27.31 1.55 9.13
N ASP A 126 26.90 2.22 8.06
CA ASP A 126 27.41 3.54 7.73
C ASP A 126 26.61 4.68 8.37
N VAL A 127 25.53 4.40 9.09
CA VAL A 127 24.72 5.50 9.59
C VAL A 127 25.35 6.01 10.88
N ASP A 128 25.71 7.28 10.90
CA ASP A 128 26.29 7.94 12.06
C ASP A 128 25.21 8.76 12.77
N LYS A 129 25.10 8.57 14.09
CA LYS A 129 24.02 9.17 14.86
C LYS A 129 23.90 10.68 14.65
N ASP A 130 25.02 11.35 14.42
CA ASP A 130 24.97 12.79 14.22
C ASP A 130 24.57 13.17 12.80
N GLU A 131 25.06 12.45 11.78
CA GLU A 131 24.54 12.64 10.42
C GLU A 131 23.08 12.25 10.35
N LEU A 132 22.69 11.16 11.01
CA LEU A 132 21.28 10.76 11.07
C LEU A 132 20.42 11.88 11.63
N GLU A 133 20.84 12.48 12.76
CA GLU A 133 20.07 13.56 13.37
C GLU A 133 20.12 14.84 12.55
N ARG A 134 21.21 15.06 11.82
CA ARG A 134 21.28 16.22 10.95
C ARG A 134 20.30 16.08 9.79
N LEU A 135 20.37 14.95 9.07
CA LEU A 135 19.40 14.70 8.01
C LEU A 135 17.98 14.76 8.53
N MET A 136 17.73 14.15 9.70
CA MET A 136 16.38 14.15 10.24
C MET A 136 15.88 15.56 10.53
N GLY A 137 16.77 16.44 10.98
CA GLY A 137 16.34 17.80 11.25
C GLY A 137 15.90 18.52 9.98
N ILE A 138 16.72 18.42 8.91
CA ILE A 138 16.42 19.12 7.66
C ILE A 138 15.20 18.50 6.96
N ASN A 139 15.20 17.16 6.84
CA ASN A 139 14.21 16.49 5.99
C ASN A 139 12.85 16.39 6.66
N LEU A 140 12.81 15.96 7.92
CA LEU A 140 11.55 15.71 8.61
C LEU A 140 11.15 16.85 9.55
N VAL A 141 12.07 17.31 10.41
CA VAL A 141 11.75 18.40 11.34
C VAL A 141 11.45 19.67 10.58
N GLY A 142 12.19 19.93 9.49
CA GLY A 142 11.85 21.02 8.61
C GLY A 142 10.46 20.88 8.02
N ALA A 143 10.06 19.65 7.67
CA ALA A 143 8.72 19.41 7.12
C ALA A 143 7.63 19.71 8.14
N PHE A 144 7.81 19.26 9.39
CA PHE A 144 6.86 19.58 10.45
C PHE A 144 6.72 21.09 10.63
N LEU A 145 7.85 21.79 10.78
CA LEU A 145 7.82 23.24 11.01
C LEU A 145 7.22 23.97 9.81
N ALA A 146 7.71 23.67 8.60
CA ALA A 146 7.21 24.35 7.40
C ALA A 146 5.72 24.14 7.22
N ALA A 147 5.20 22.99 7.63
CA ALA A 147 3.77 22.74 7.54
C ALA A 147 3.03 23.44 8.67
N LYS A 148 3.59 23.37 9.89
CA LYS A 148 2.99 23.98 11.07
C LYS A 148 2.69 25.46 10.85
N HIS A 149 3.65 26.21 10.32
CA HIS A 149 3.44 27.64 10.15
C HIS A 149 2.69 27.98 8.87
N ALA A 150 2.78 27.11 7.85
CA ALA A 150 1.83 27.21 6.75
C ALA A 150 0.42 26.93 7.26
N ALA A 151 0.26 25.90 8.09
CA ALA A 151 -1.05 25.63 8.65
C ALA A 151 -1.51 26.75 9.55
N ARG A 152 -0.57 27.37 10.29
CA ARG A 152 -0.90 28.46 11.19
C ARG A 152 -1.66 29.58 10.48
N VAL A 153 -1.15 30.00 9.31
CA VAL A 153 -1.74 31.12 8.58
C VAL A 153 -2.76 30.70 7.53
N MET A 154 -2.75 29.42 7.09
CA MET A 154 -3.73 28.97 6.11
C MET A 154 -5.10 28.74 6.75
N VAL A 155 -5.12 28.13 7.94
CA VAL A 155 -6.39 27.78 8.58
C VAL A 155 -7.33 28.99 8.70
N PRO A 156 -6.91 30.16 9.19
CA PRO A 156 -7.84 31.30 9.20
C PRO A 156 -8.30 31.72 7.81
N ALA A 157 -7.47 31.53 6.78
CA ALA A 157 -7.88 31.83 5.42
C ALA A 157 -8.90 30.84 4.87
N LYS A 158 -9.10 29.70 5.55
CA LYS A 158 -10.01 28.63 5.12
C LYS A 158 -9.70 28.16 3.71
N LYS A 159 -8.44 28.26 3.32
CA LYS A 159 -7.96 27.80 2.03
C LYS A 159 -6.49 27.48 2.18
N GLY A 160 -5.92 26.83 1.18
CA GLY A 160 -4.51 26.49 1.24
C GLY A 160 -4.14 25.08 0.82
N CYS A 161 -2.91 24.92 0.36
CA CYS A 161 -2.38 23.68 -0.15
C CYS A 161 -0.93 23.54 0.31
N ILE A 162 -0.59 22.38 0.87
CA ILE A 162 0.77 22.10 1.31
C ILE A 162 1.26 20.88 0.53
N ILE A 163 2.43 21.00 -0.09
CA ILE A 163 3.00 19.94 -0.91
C ILE A 163 4.39 19.64 -0.38
N PHE A 164 4.62 18.39 0.00
CA PHE A 164 5.92 17.93 0.42
C PHE A 164 6.60 17.20 -0.73
N THR A 165 7.92 17.26 -0.75
CA THR A 165 8.72 16.44 -1.62
C THR A 165 9.12 15.20 -0.84
N ALA A 166 8.47 14.08 -1.14
CA ALA A 166 8.87 12.80 -0.57
C ALA A 166 9.92 12.21 -1.50
N SER A 167 9.70 10.97 -1.93
CA SER A 167 10.71 10.30 -2.75
C SER A 167 10.15 8.97 -3.23
N ALA A 168 10.63 8.52 -4.38
CA ALA A 168 10.26 7.20 -4.86
C ALA A 168 10.70 6.13 -3.87
N CYS A 169 11.73 6.40 -3.08
CA CYS A 169 12.19 5.48 -2.06
C CYS A 169 11.13 5.20 -1.00
N THR A 170 10.04 5.97 -0.95
CA THR A 170 8.95 5.66 -0.04
C THR A 170 8.11 4.47 -0.49
N GLU A 171 8.28 3.99 -1.72
CA GLU A 171 7.50 2.85 -2.20
C GLU A 171 8.34 1.70 -2.71
N ILE A 172 9.68 1.84 -2.75
CA ILE A 172 10.54 0.71 -3.06
C ILE A 172 11.87 0.92 -2.36
N ALA A 173 12.52 -0.20 -2.05
CA ALA A 173 13.87 -0.18 -1.50
C ALA A 173 14.91 -0.25 -2.61
N GLY A 174 16.15 0.02 -2.24
CA GLY A 174 17.27 -0.08 -3.15
C GLY A 174 17.58 1.17 -3.93
N ILE A 175 17.00 2.31 -3.57
CA ILE A 175 17.31 3.52 -4.33
C ILE A 175 17.62 4.72 -3.43
N ALA A 176 17.85 4.48 -2.13
CA ALA A 176 18.20 5.54 -1.20
C ALA A 176 18.73 4.93 0.10
N GLY A 177 19.38 5.78 0.92
CA GLY A 177 19.94 5.32 2.17
C GLY A 177 18.91 5.19 3.28
N HIS A 178 19.32 4.48 4.33
CA HIS A 178 18.39 4.13 5.41
C HIS A 178 17.86 5.38 6.10
N SER A 179 18.76 6.30 6.48
CA SER A 179 18.32 7.52 7.16
C SER A 179 17.39 8.35 6.27
N TYR A 180 17.77 8.52 5.00
CA TYR A 180 16.95 9.26 4.05
C TYR A 180 15.59 8.59 3.85
N THR A 181 15.59 7.26 3.66
CA THR A 181 14.35 6.55 3.43
C THR A 181 13.39 6.75 4.61
N ALA A 182 13.91 6.65 5.83
CA ALA A 182 13.06 6.78 7.00
C ALA A 182 12.53 8.20 7.13
N SER A 183 13.35 9.19 6.80
CA SER A 183 12.88 10.58 6.86
C SER A 183 11.73 10.79 5.88
N LYS A 184 11.83 10.18 4.69
CA LYS A 184 10.81 10.37 3.66
C LYS A 184 9.52 9.62 3.99
N TYR A 185 9.63 8.43 4.57
CA TYR A 185 8.45 7.78 5.15
C TYR A 185 7.77 8.70 6.17
N GLY A 186 8.57 9.38 7.00
CA GLY A 186 8.00 10.25 8.01
C GLY A 186 7.28 11.44 7.42
N ILE A 187 7.80 11.97 6.31
CA ILE A 187 7.09 13.05 5.62
C ILE A 187 5.72 12.56 5.15
N VAL A 188 5.68 11.34 4.59
CA VAL A 188 4.41 10.80 4.11
C VAL A 188 3.41 10.67 5.25
N GLY A 189 3.85 10.15 6.39
CA GLY A 189 2.97 10.07 7.53
C GLY A 189 2.48 11.43 7.99
N LEU A 190 3.39 12.41 8.03
CA LEU A 190 3.00 13.78 8.36
C LEU A 190 1.94 14.28 7.39
N MET A 191 2.16 14.05 6.09
CA MET A 191 1.22 14.52 5.07
C MET A 191 -0.16 13.90 5.27
N LYS A 192 -0.22 12.61 5.59
CA LYS A 192 -1.52 11.95 5.71
C LYS A 192 -2.30 12.47 6.91
N SER A 193 -1.64 12.67 8.04
CA SER A 193 -2.35 13.21 9.20
C SER A 193 -2.69 14.69 9.02
N LEU A 194 -1.86 15.45 8.28
CA LEU A 194 -2.23 16.82 7.95
C LEU A 194 -3.41 16.86 6.99
N ALA A 195 -3.50 15.90 6.07
CA ALA A 195 -4.62 15.87 5.15
C ALA A 195 -5.94 15.70 5.89
N VAL A 196 -5.92 14.90 6.96
CA VAL A 196 -7.12 14.69 7.75
C VAL A 196 -7.46 15.94 8.56
N GLU A 197 -6.46 16.52 9.23
CA GLU A 197 -6.70 17.65 10.12
C GLU A 197 -7.07 18.90 9.34
N LEU A 198 -6.20 19.29 8.41
CA LEU A 198 -6.43 20.54 7.68
C LEU A 198 -7.52 20.42 6.63
N GLY A 199 -8.02 19.21 6.37
CA GLY A 199 -9.13 19.06 5.44
C GLY A 199 -10.39 19.75 5.93
N SER A 200 -10.58 19.79 7.24
CA SER A 200 -11.73 20.44 7.84
C SER A 200 -11.76 21.93 7.55
N HIS A 201 -10.62 22.51 7.15
CA HIS A 201 -10.54 23.93 6.85
C HIS A 201 -10.40 24.20 5.37
N GLY A 202 -10.69 23.20 4.53
CA GLY A 202 -10.56 23.35 3.10
C GLY A 202 -9.14 23.37 2.61
N ILE A 203 -8.20 22.77 3.34
CA ILE A 203 -6.77 22.86 3.06
C ILE A 203 -6.30 21.48 2.62
N ARG A 204 -5.53 21.43 1.54
CA ARG A 204 -5.07 20.15 0.98
C ARG A 204 -3.62 19.87 1.36
N ALA A 205 -3.32 18.59 1.54
CA ALA A 205 -1.94 18.14 1.79
C ALA A 205 -1.64 16.94 0.92
N ASN A 206 -0.55 17.01 0.15
CA ASN A 206 -0.14 15.96 -0.78
C ASN A 206 1.38 15.90 -0.82
N CYS A 207 1.88 14.77 -1.29
CA CYS A 207 3.30 14.56 -1.57
C CYS A 207 3.53 14.40 -3.06
N VAL A 208 4.76 14.65 -3.48
CA VAL A 208 5.26 14.22 -4.78
C VAL A 208 6.53 13.41 -4.53
N SER A 209 6.59 12.19 -5.08
CA SER A 209 7.72 11.29 -4.87
C SER A 209 8.45 11.03 -6.19
N PRO A 210 9.38 11.91 -6.58
CA PRO A 210 10.13 11.71 -7.82
C PRO A 210 11.21 10.64 -7.67
N PHE A 211 11.76 10.24 -8.81
CA PHE A 211 12.77 9.20 -8.84
C PHE A 211 14.15 9.81 -9.10
N GLY A 212 14.76 9.53 -10.26
CA GLY A 212 16.15 9.92 -10.48
C GLY A 212 16.43 11.27 -11.12
N VAL A 213 16.48 12.32 -10.30
CA VAL A 213 16.93 13.64 -10.75
C VAL A 213 18.05 14.21 -9.88
N LEU A 214 18.20 13.78 -8.63
CA LEU A 214 19.37 14.18 -7.83
C LEU A 214 19.66 13.14 -6.74
N MET A 227 27.14 10.48 -18.84
CA MET A 227 27.17 9.19 -18.16
C MET A 227 25.86 8.91 -17.43
N PHE A 228 25.25 9.95 -16.88
CA PHE A 228 24.12 9.77 -15.97
C PHE A 228 22.88 9.27 -16.70
N GLU A 229 22.60 9.78 -17.91
CA GLU A 229 21.35 9.43 -18.58
C GLU A 229 21.34 7.99 -19.06
N GLY A 230 22.50 7.46 -19.46
CA GLY A 230 22.54 6.06 -19.84
C GLY A 230 22.16 5.14 -18.70
N ILE A 231 22.59 5.47 -17.49
CA ILE A 231 22.20 4.67 -16.33
C ILE A 231 20.71 4.82 -16.08
N MET A 232 20.17 6.04 -16.17
CA MET A 232 18.73 6.22 -15.96
C MET A 232 17.91 5.53 -17.04
N SER A 233 18.38 5.56 -18.29
CA SER A 233 17.63 4.91 -19.35
C SER A 233 17.59 3.39 -19.19
N LYS A 234 18.62 2.81 -18.58
CA LYS A 234 18.68 1.36 -18.42
C LYS A 234 18.20 0.87 -17.05
N VAL A 235 17.98 1.76 -16.08
CA VAL A 235 17.34 1.37 -14.84
C VAL A 235 15.87 1.72 -14.81
N GLY A 236 15.43 2.64 -15.67
CA GLY A 236 14.03 3.05 -15.66
C GLY A 236 13.12 1.97 -16.23
N ASN A 237 11.90 1.91 -15.68
CA ASN A 237 10.93 0.97 -16.22
C ASN A 237 10.30 1.49 -17.51
N LEU A 238 9.84 2.74 -17.50
CA LEU A 238 9.28 3.37 -18.69
C LEU A 238 10.44 3.82 -19.57
N LYS A 239 10.70 3.06 -20.62
CA LYS A 239 11.83 3.36 -21.49
C LYS A 239 11.51 4.47 -22.49
N GLY A 240 12.58 5.10 -23.00
CA GLY A 240 12.46 6.13 -24.01
C GLY A 240 12.35 7.55 -23.51
N LYS A 241 12.13 7.75 -22.22
CA LYS A 241 11.96 9.08 -21.65
C LYS A 241 12.79 9.18 -20.37
N ILE A 242 13.36 10.35 -20.13
CA ILE A 242 14.16 10.56 -18.93
C ILE A 242 13.48 11.63 -18.07
N LEU A 243 13.57 11.46 -16.76
CA LEU A 243 12.94 12.37 -15.80
C LEU A 243 13.83 13.56 -15.48
N THR A 244 13.26 14.76 -15.57
CA THR A 244 13.97 15.98 -15.24
C THR A 244 13.24 16.76 -14.16
N ALA A 245 13.92 17.80 -13.66
CA ALA A 245 13.32 18.67 -12.66
C ALA A 245 12.07 19.36 -13.22
N GLU A 246 12.12 19.75 -14.48
CA GLU A 246 10.95 20.37 -15.11
C GLU A 246 9.75 19.44 -15.06
N ASP A 247 9.98 18.13 -15.23
CA ASP A 247 8.90 17.17 -15.13
C ASP A 247 8.28 17.16 -13.75
N VAL A 248 9.12 17.15 -12.70
CA VAL A 248 8.59 17.11 -11.34
C VAL A 248 7.85 18.38 -11.02
N ALA A 249 8.32 19.52 -11.55
CA ALA A 249 7.66 20.79 -11.24
C ALA A 249 6.23 20.83 -11.75
N VAL A 250 5.99 20.29 -12.95
CA VAL A 250 4.64 20.35 -13.51
C VAL A 250 3.70 19.38 -12.80
N THR A 251 4.23 18.31 -12.20
CA THR A 251 3.41 17.48 -11.32
C THR A 251 3.09 18.22 -10.03
N VAL A 252 4.05 18.98 -9.50
CA VAL A 252 3.80 19.83 -8.33
C VAL A 252 2.79 20.92 -8.68
N LEU A 253 2.90 21.47 -9.90
CA LEU A 253 1.92 22.43 -10.39
C LEU A 253 0.54 21.82 -10.42
N TYR A 254 0.43 20.58 -10.91
CA TYR A 254 -0.86 19.91 -10.91
C TYR A 254 -1.41 19.84 -9.49
N LEU A 255 -0.60 19.33 -8.55
CA LEU A 255 -1.05 19.12 -7.17
C LEU A 255 -1.42 20.43 -6.49
N ALA A 256 -0.74 21.53 -6.85
CA ALA A 256 -0.98 22.85 -6.29
C ALA A 256 -2.07 23.61 -7.03
N SER A 257 -2.37 23.23 -8.27
CA SER A 257 -3.41 23.89 -9.04
C SER A 257 -4.79 23.53 -8.50
N GLU A 258 -5.79 24.33 -8.87
CA GLU A 258 -7.17 23.99 -8.56
C GLU A 258 -7.68 22.83 -9.41
N GLU A 259 -7.01 22.54 -10.54
CA GLU A 259 -7.24 21.31 -11.29
C GLU A 259 -7.19 20.09 -10.41
N ALA A 260 -6.57 20.18 -9.24
CA ALA A 260 -6.54 19.12 -8.24
C ALA A 260 -7.30 19.51 -6.97
N SER A 261 -8.38 20.28 -7.12
CA SER A 261 -9.10 20.83 -5.98
C SER A 261 -9.64 19.77 -5.01
N TYR A 262 -9.82 18.52 -5.44
CA TYR A 262 -10.31 17.49 -4.53
C TYR A 262 -9.28 16.38 -4.29
N VAL A 263 -8.00 16.65 -4.56
CA VAL A 263 -6.92 15.70 -4.30
C VAL A 263 -6.20 16.12 -3.02
N SER A 264 -6.28 15.25 -2.00
CA SER A 264 -5.62 15.46 -0.73
C SER A 264 -5.29 14.09 -0.14
N GLY A 265 -4.18 14.02 0.58
CA GLY A 265 -3.73 12.77 1.18
C GLY A 265 -2.88 11.89 0.29
N VAL A 266 -2.51 12.35 -0.90
CA VAL A 266 -1.93 11.51 -1.95
C VAL A 266 -0.41 11.68 -2.00
N ASN A 267 0.31 10.56 -2.13
CA ASN A 267 1.75 10.56 -2.39
C ASN A 267 1.97 10.14 -3.85
N LEU A 268 2.00 11.12 -4.74
CA LEU A 268 2.02 10.87 -6.19
C LEU A 268 3.43 10.56 -6.67
N LEU A 269 3.63 9.35 -7.17
CA LEU A 269 4.92 8.93 -7.69
C LEU A 269 5.13 9.41 -9.13
N VAL A 270 6.34 9.89 -9.40
CA VAL A 270 6.79 10.28 -10.73
C VAL A 270 8.04 9.45 -11.00
N ASP A 271 7.83 8.18 -11.33
CA ASP A 271 8.92 7.22 -11.43
C ASP A 271 8.88 6.35 -12.68
N GLY A 272 7.93 6.58 -13.59
CA GLY A 272 7.79 5.69 -14.75
C GLY A 272 7.53 4.25 -14.38
N GLY A 273 6.93 4.01 -13.22
CA GLY A 273 6.65 2.65 -12.78
C GLY A 273 7.79 1.91 -12.14
N TYR A 274 8.87 2.60 -11.74
CA TYR A 274 10.02 1.91 -11.16
C TYR A 274 9.65 1.18 -9.86
N THR A 275 8.75 1.76 -9.05
CA THR A 275 8.48 1.20 -7.72
C THR A 275 7.46 0.07 -7.73
N VAL A 276 6.91 -0.30 -8.89
CA VAL A 276 5.87 -1.31 -8.94
C VAL A 276 6.38 -2.67 -9.40
N VAL A 277 7.67 -2.78 -9.71
CA VAL A 277 8.23 -4.01 -10.28
C VAL A 277 9.51 -4.39 -9.57
N ASN A 278 9.69 -5.69 -9.34
CA ASN A 278 11.00 -6.26 -9.06
C ASN A 278 11.31 -7.19 -10.23
N PRO A 279 12.08 -6.74 -11.21
CA PRO A 279 12.28 -7.55 -12.42
C PRO A 279 13.27 -8.69 -12.24
N THR A 280 13.76 -8.92 -11.02
CA THR A 280 14.79 -9.95 -10.83
C THR A 280 14.33 -11.27 -11.41
N PHE A 281 13.10 -11.67 -11.07
CA PHE A 281 12.58 -12.96 -11.49
C PHE A 281 12.51 -13.09 -13.00
N ILE A 282 11.80 -12.17 -13.65
CA ILE A 282 11.61 -12.28 -15.09
C ILE A 282 12.95 -12.22 -15.82
N ASN A 283 13.95 -11.55 -15.23
CA ASN A 283 15.25 -11.47 -15.88
C ASN A 283 15.90 -12.85 -15.95
N VAL A 284 15.80 -13.63 -14.87
CA VAL A 284 16.47 -14.93 -14.79
C VAL A 284 15.82 -15.95 -15.71
N ILE A 285 14.56 -15.76 -16.08
CA ILE A 285 13.83 -16.79 -16.83
C ILE A 285 13.66 -16.44 -18.29
N THR A 286 14.16 -15.29 -18.76
CA THR A 286 14.00 -14.91 -20.16
C THR A 286 15.24 -15.10 -21.01
N ALA A 287 16.39 -14.55 -20.61
CA ALA A 287 17.56 -14.42 -21.49
C ALA A 287 17.23 -13.59 -22.74
N ARG B 29 9.34 -23.92 24.24
CA ARG B 29 9.60 -24.92 23.21
C ARG B 29 9.97 -24.30 21.86
N ARG B 30 9.30 -23.20 21.46
CA ARG B 30 9.51 -22.66 20.13
C ARG B 30 10.77 -21.81 20.01
N LEU B 31 11.21 -21.19 21.10
CA LEU B 31 12.38 -20.30 21.09
C LEU B 31 13.58 -20.91 21.82
N GLU B 32 13.58 -22.24 21.99
CA GLU B 32 14.60 -22.92 22.78
C GLU B 32 15.99 -22.61 22.27
N GLY B 33 16.86 -22.15 23.19
CA GLY B 33 18.23 -21.81 22.86
C GLY B 33 18.44 -20.46 22.20
N LYS B 34 17.38 -19.70 21.92
CA LYS B 34 17.56 -18.42 21.26
C LYS B 34 17.73 -17.30 22.27
N VAL B 35 18.50 -16.29 21.86
CA VAL B 35 18.85 -15.13 22.70
C VAL B 35 18.20 -13.89 22.11
N ALA B 36 17.32 -13.27 22.89
CA ALA B 36 16.55 -12.11 22.45
C ALA B 36 16.80 -10.92 23.37
N ILE B 37 17.00 -9.76 22.77
CA ILE B 37 17.04 -8.49 23.48
C ILE B 37 15.72 -7.77 23.22
N VAL B 38 15.10 -7.25 24.28
CA VAL B 38 13.85 -6.51 24.15
C VAL B 38 14.06 -5.13 24.77
N THR B 39 14.29 -4.12 23.94
CA THR B 39 14.39 -2.76 24.46
C THR B 39 13.00 -2.26 24.86
N GLY B 40 12.97 -1.42 25.90
CA GLY B 40 11.70 -1.00 26.47
C GLY B 40 10.93 -2.12 27.12
N GLY B 41 11.62 -3.21 27.47
CA GLY B 41 11.04 -4.46 27.94
C GLY B 41 10.75 -4.59 29.42
N ALA B 42 10.87 -3.52 30.20
CA ALA B 42 10.55 -3.65 31.63
C ALA B 42 9.06 -3.62 31.89
N SER B 43 8.26 -3.11 30.96
CA SER B 43 6.84 -2.95 31.18
C SER B 43 6.07 -3.14 29.87
N GLY B 44 4.77 -3.34 30.00
CA GLY B 44 3.85 -3.38 28.87
C GLY B 44 4.17 -4.45 27.85
N ILE B 45 4.09 -4.06 26.57
CA ILE B 45 4.24 -5.01 25.47
C ILE B 45 5.61 -5.67 25.52
N GLY B 46 6.65 -4.89 25.80
CA GLY B 46 7.98 -5.47 25.90
C GLY B 46 8.09 -6.47 27.02
N ALA B 47 7.48 -6.19 28.18
CA ALA B 47 7.49 -7.14 29.29
C ALA B 47 6.67 -8.38 28.98
N SER B 48 5.50 -8.20 28.34
CA SER B 48 4.71 -9.35 27.90
C SER B 48 5.51 -10.19 26.91
N THR B 49 6.25 -9.54 26.01
CA THR B 49 7.09 -10.28 25.08
C THR B 49 8.26 -10.96 25.78
N VAL B 50 8.79 -10.34 26.85
CA VAL B 50 9.89 -10.96 27.60
C VAL B 50 9.41 -12.24 28.31
N ARG B 51 8.25 -12.16 28.97
CA ARG B 51 7.71 -13.33 29.65
C ARG B 51 7.40 -14.46 28.68
N LEU B 52 6.74 -14.13 27.56
CA LEU B 52 6.42 -15.16 26.58
C LEU B 52 7.68 -15.76 25.96
N PHE B 53 8.67 -14.91 25.64
CA PHE B 53 9.97 -15.41 25.17
C PHE B 53 10.62 -16.32 26.22
N HIS B 54 10.47 -15.98 27.51
CA HIS B 54 10.97 -16.83 28.58
C HIS B 54 10.24 -18.17 28.62
N ASP B 55 8.91 -18.13 28.45
CA ASP B 55 8.13 -19.37 28.45
C ASP B 55 8.54 -20.31 27.34
N HIS B 56 9.04 -19.79 26.22
CA HIS B 56 9.43 -20.63 25.09
C HIS B 56 10.91 -20.94 25.07
N GLY B 57 11.60 -20.76 26.20
CA GLY B 57 12.96 -21.23 26.33
C GLY B 57 14.02 -20.30 25.81
N ALA B 58 13.68 -19.03 25.57
CA ALA B 58 14.66 -18.08 25.10
C ALA B 58 15.34 -17.45 26.31
N LYS B 59 16.62 -17.18 26.16
CA LYS B 59 17.31 -16.30 27.09
C LYS B 59 17.04 -14.87 26.64
N VAL B 60 16.51 -14.04 27.56
CA VAL B 60 16.08 -12.69 27.23
C VAL B 60 16.87 -11.70 28.08
N VAL B 61 17.39 -10.67 27.43
CA VAL B 61 18.02 -9.53 28.10
C VAL B 61 16.98 -8.41 28.13
N ILE B 62 16.42 -8.13 29.31
CA ILE B 62 15.51 -6.98 29.43
C ILE B 62 16.33 -5.69 29.41
N ALA B 63 16.00 -4.81 28.48
CA ALA B 63 16.62 -3.50 28.37
C ALA B 63 15.55 -2.43 28.55
N ASP B 64 15.81 -1.49 29.45
CA ASP B 64 14.88 -0.38 29.71
C ASP B 64 15.65 0.68 30.52
N ILE B 65 14.92 1.71 30.93
CA ILE B 65 15.44 2.73 31.84
C ILE B 65 14.64 2.80 33.13
N GLN B 66 13.65 1.94 33.30
CA GLN B 66 12.95 1.74 34.57
C GLN B 66 13.64 0.57 35.28
N ASP B 67 14.61 0.89 36.13
CA ASP B 67 15.53 -0.13 36.63
C ASP B 67 14.87 -1.04 37.66
N ASP B 68 13.97 -0.49 38.49
CA ASP B 68 13.31 -1.34 39.48
C ASP B 68 12.38 -2.35 38.82
N LEU B 69 11.51 -1.89 37.90
CA LEU B 69 10.64 -2.82 37.18
C LEU B 69 11.44 -3.84 36.39
N GLY B 70 12.49 -3.38 35.70
CA GLY B 70 13.26 -4.29 34.86
C GLY B 70 14.00 -5.33 35.66
N GLN B 71 14.64 -4.92 36.76
CA GLN B 71 15.39 -5.87 37.59
C GLN B 71 14.45 -6.83 38.32
N THR B 72 13.32 -6.32 38.83
CA THR B 72 12.35 -7.17 39.51
C THR B 72 11.81 -8.26 38.58
N LEU B 73 11.48 -7.90 37.34
CA LEU B 73 10.95 -8.90 36.41
C LEU B 73 12.03 -9.90 36.00
N ALA B 74 13.25 -9.41 35.71
CA ALA B 74 14.31 -10.30 35.27
C ALA B 74 14.70 -11.32 36.35
N ASP B 75 14.54 -10.95 37.61
CA ASP B 75 14.83 -11.89 38.69
C ASP B 75 13.66 -12.84 38.91
N ARG B 76 12.43 -12.35 38.83
CA ARG B 76 11.26 -13.19 39.06
C ARG B 76 11.13 -14.30 38.03
N LEU B 77 11.49 -14.02 36.77
CA LEU B 77 11.34 -15.02 35.73
C LEU B 77 12.44 -16.07 35.80
N GLY B 78 13.63 -15.72 36.26
CA GLY B 78 14.62 -16.73 36.55
C GLY B 78 16.00 -16.50 35.98
N ARG B 79 16.72 -17.61 35.77
CA ARG B 79 18.15 -17.57 35.49
C ARG B 79 18.45 -17.09 34.07
N ASN B 80 17.57 -17.36 33.11
CA ASN B 80 17.81 -17.00 31.71
C ASN B 80 17.33 -15.60 31.35
N ILE B 81 16.81 -14.85 32.30
CA ILE B 81 16.34 -13.49 32.07
C ILE B 81 17.22 -12.55 32.89
N SER B 82 18.00 -11.71 32.21
CA SER B 82 18.79 -10.68 32.85
C SER B 82 18.21 -9.31 32.52
N TYR B 83 18.75 -8.29 33.17
CA TYR B 83 18.38 -6.91 32.93
C TYR B 83 19.63 -6.11 32.59
N THR B 84 19.44 -5.07 31.80
CA THR B 84 20.52 -4.15 31.47
C THR B 84 19.90 -2.77 31.28
N HIS B 85 20.32 -1.81 32.09
CA HIS B 85 19.87 -0.44 31.88
C HIS B 85 20.41 0.03 30.53
N CYS B 86 19.52 0.61 29.70
CA CYS B 86 19.93 1.13 28.41
C CYS B 86 18.93 2.18 27.92
N ASP B 87 19.33 3.44 27.99
CA ASP B 87 18.62 4.48 27.27
C ASP B 87 19.02 4.36 25.81
N VAL B 88 18.05 4.06 24.94
CA VAL B 88 18.37 3.79 23.54
C VAL B 88 18.91 5.02 22.81
N THR B 89 18.72 6.23 23.38
CA THR B 89 19.28 7.44 22.76
C THR B 89 20.79 7.56 22.92
N ASP B 90 21.42 6.70 23.71
CA ASP B 90 22.87 6.70 23.91
C ASP B 90 23.46 5.52 23.16
N GLU B 91 24.14 5.78 22.04
CA GLU B 91 24.67 4.68 21.23
C GLU B 91 25.65 3.83 22.02
N ASP B 92 26.37 4.42 22.98
CA ASP B 92 27.33 3.66 23.76
C ASP B 92 26.63 2.70 24.74
N GLN B 93 25.54 3.13 25.37
CA GLN B 93 24.77 2.18 26.17
C GLN B 93 24.21 1.06 25.29
N VAL B 94 23.80 1.40 24.07
CA VAL B 94 23.22 0.42 23.16
C VAL B 94 24.29 -0.56 22.68
N ARG B 95 25.43 -0.04 22.21
CA ARG B 95 26.55 -0.90 21.80
C ARG B 95 26.99 -1.80 22.95
N ALA B 96 26.98 -1.28 24.17
CA ALA B 96 27.38 -2.10 25.29
C ALA B 96 26.33 -3.17 25.59
N LEU B 97 25.05 -2.81 25.47
CA LEU B 97 23.96 -3.75 25.72
C LEU B 97 24.08 -4.98 24.83
N VAL B 98 24.29 -4.79 23.52
CA VAL B 98 24.44 -5.92 22.61
C VAL B 98 25.74 -6.67 22.89
N ASP B 99 26.81 -5.94 23.20
CA ASP B 99 28.10 -6.57 23.46
C ASP B 99 28.06 -7.41 24.74
N ALA B 100 27.32 -6.96 25.76
CA ALA B 100 27.16 -7.79 26.96
C ALA B 100 26.33 -9.03 26.67
N ALA B 101 25.38 -8.93 25.73
CA ALA B 101 24.57 -10.09 25.39
C ALA B 101 25.40 -11.14 24.64
N VAL B 102 26.24 -10.72 23.69
CA VAL B 102 27.07 -11.70 22.98
C VAL B 102 28.09 -12.35 23.92
N ALA B 103 28.71 -11.55 24.80
CA ALA B 103 29.67 -12.12 25.75
C ALA B 103 28.98 -13.10 26.70
N LYS B 104 27.82 -12.71 27.24
CA LYS B 104 27.15 -13.55 28.23
C LYS B 104 26.51 -14.79 27.61
N HIS B 105 26.02 -14.69 26.37
CA HIS B 105 25.15 -15.71 25.81
C HIS B 105 25.61 -16.29 24.46
N GLY B 106 26.68 -15.75 23.88
CA GLY B 106 27.24 -16.25 22.64
C GLY B 106 26.85 -15.45 21.42
N GLY B 107 25.70 -14.79 21.45
CA GLY B 107 25.22 -14.00 20.33
C GLY B 107 23.83 -13.50 20.60
N VAL B 108 23.30 -12.77 19.62
CA VAL B 108 21.94 -12.25 19.69
C VAL B 108 21.16 -12.83 18.50
N ASP B 109 20.09 -13.58 18.79
CA ASP B 109 19.23 -14.13 17.75
C ASP B 109 18.09 -13.20 17.38
N ILE B 110 17.49 -12.56 18.38
CA ILE B 110 16.32 -11.72 18.21
C ILE B 110 16.61 -10.35 18.83
N MET B 111 16.30 -9.29 18.10
CA MET B 111 16.31 -7.93 18.67
C MET B 111 14.91 -7.35 18.54
N PHE B 112 14.20 -7.23 19.67
CA PHE B 112 12.87 -6.64 19.69
C PHE B 112 13.04 -5.18 20.09
N SER B 113 13.21 -4.32 19.07
CA SER B 113 13.34 -2.89 19.27
C SER B 113 11.93 -2.37 19.53
N ASN B 114 11.57 -2.33 20.82
CA ASN B 114 10.25 -1.91 21.24
C ASN B 114 10.26 -0.57 21.99
N ALA B 115 11.44 -0.10 22.43
CA ALA B 115 11.53 1.13 23.22
C ALA B 115 11.02 2.34 22.44
N GLY B 116 10.00 3.01 22.99
CA GLY B 116 9.45 4.22 22.41
C GLY B 116 8.52 4.90 23.39
N ILE B 117 8.06 6.09 23.00
CA ILE B 117 7.08 6.85 23.77
C ILE B 117 5.87 7.14 22.86
N VAL B 118 4.69 7.20 23.47
CA VAL B 118 3.44 7.22 22.71
C VAL B 118 2.68 8.52 22.98
N GLU B 119 2.12 9.11 21.92
CA GLU B 119 1.20 10.24 21.99
C GLU B 119 -0.05 9.92 21.18
N GLY B 120 -1.21 10.29 21.71
CA GLY B 120 -2.46 10.12 21.00
C GLY B 120 -2.71 11.21 19.98
N PRO B 121 -3.87 11.12 19.32
CA PRO B 121 -4.22 12.13 18.30
C PRO B 121 -4.11 13.56 18.83
N ASN B 122 -3.47 14.42 18.04
CA ASN B 122 -3.28 15.83 18.40
C ASN B 122 -3.37 16.67 17.13
N SER B 123 -3.03 17.96 17.23
CA SER B 123 -3.00 18.88 16.12
C SER B 123 -1.57 19.30 15.80
N ILE B 124 -1.36 19.71 14.55
CA ILE B 124 -0.03 20.15 14.14
C ILE B 124 0.43 21.38 14.92
N PHE B 125 -0.50 22.11 15.53
CA PHE B 125 -0.17 23.27 16.35
C PHE B 125 0.27 22.90 17.76
N ASP B 126 0.04 21.66 18.18
CA ASP B 126 0.48 21.15 19.48
C ASP B 126 1.90 20.60 19.43
N VAL B 127 2.52 20.60 18.26
CA VAL B 127 3.85 20.01 18.11
C VAL B 127 4.89 21.03 18.52
N ASP B 128 5.69 20.69 19.53
CA ASP B 128 6.78 21.53 19.99
C ASP B 128 8.11 20.95 19.48
N LYS B 129 8.92 21.81 18.86
CA LYS B 129 10.15 21.34 18.20
C LYS B 129 11.04 20.52 19.13
N ASP B 130 11.08 20.84 20.42
CA ASP B 130 11.93 20.08 21.32
C ASP B 130 11.26 18.78 21.76
N GLU B 131 9.95 18.82 22.00
CA GLU B 131 9.22 17.57 22.22
C GLU B 131 9.30 16.68 21.00
N LEU B 132 9.23 17.28 19.81
CA LEU B 132 9.26 16.51 18.56
C LEU B 132 10.60 15.80 18.40
N GLU B 133 11.70 16.53 18.62
CA GLU B 133 13.02 15.93 18.46
C GLU B 133 13.30 14.89 19.55
N ARG B 134 12.69 15.05 20.72
CA ARG B 134 12.84 14.05 21.78
C ARG B 134 12.15 12.75 21.39
N LEU B 135 10.88 12.84 21.00
CA LEU B 135 10.16 11.66 20.55
C LEU B 135 10.88 10.98 19.41
N MET B 136 11.38 11.77 18.44
CA MET B 136 12.12 11.21 17.32
C MET B 136 13.38 10.52 17.78
N GLY B 137 14.00 11.02 18.85
CA GLY B 137 15.20 10.39 19.38
C GLY B 137 14.92 9.02 19.97
N ILE B 138 13.87 8.91 20.78
CA ILE B 138 13.51 7.63 21.38
C ILE B 138 12.95 6.67 20.35
N ASN B 139 12.02 7.16 19.52
CA ASN B 139 11.25 6.30 18.62
C ASN B 139 12.03 5.93 17.37
N LEU B 140 12.68 6.90 16.72
CA LEU B 140 13.30 6.67 15.42
C LEU B 140 14.80 6.44 15.52
N VAL B 141 15.52 7.31 16.22
CA VAL B 141 16.95 7.09 16.43
C VAL B 141 17.18 5.85 17.29
N GLY B 142 16.35 5.64 18.31
CA GLY B 142 16.46 4.44 19.11
C GLY B 142 16.32 3.17 18.30
N ALA B 143 15.36 3.13 17.37
CA ALA B 143 15.23 1.98 16.50
C ALA B 143 16.44 1.87 15.56
N PHE B 144 16.90 3.00 15.01
CA PHE B 144 18.10 2.99 14.19
C PHE B 144 19.29 2.34 14.91
N LEU B 145 19.59 2.82 16.12
CA LEU B 145 20.73 2.30 16.86
C LEU B 145 20.56 0.84 17.23
N ALA B 146 19.39 0.50 17.78
CA ALA B 146 19.13 -0.89 18.16
C ALA B 146 19.27 -1.83 16.96
N ALA B 147 19.00 -1.33 15.75
CA ALA B 147 19.13 -2.15 14.55
C ALA B 147 20.58 -2.26 14.11
N LYS B 148 21.28 -1.13 14.07
CA LYS B 148 22.68 -1.08 13.66
C LYS B 148 23.54 -2.07 14.46
N HIS B 149 23.37 -2.07 15.79
CA HIS B 149 24.22 -2.90 16.63
C HIS B 149 23.69 -4.33 16.75
N ALA B 150 22.38 -4.54 16.62
CA ALA B 150 21.89 -5.90 16.41
C ALA B 150 22.41 -6.45 15.09
N ALA B 151 22.40 -5.63 14.04
CA ALA B 151 22.96 -6.03 12.76
C ALA B 151 24.46 -6.23 12.88
N ARG B 152 25.14 -5.41 13.68
CA ARG B 152 26.58 -5.49 13.84
C ARG B 152 27.01 -6.91 14.23
N VAL B 153 26.31 -7.52 15.19
CA VAL B 153 26.67 -8.86 15.64
C VAL B 153 25.90 -9.97 14.91
N MET B 154 24.75 -9.68 14.30
CA MET B 154 24.00 -10.72 13.60
C MET B 154 24.65 -11.08 12.28
N VAL B 155 25.13 -10.06 11.54
CA VAL B 155 25.69 -10.29 10.20
C VAL B 155 26.77 -11.37 10.21
N PRO B 156 27.77 -11.35 11.10
CA PRO B 156 28.77 -12.44 11.09
C PRO B 156 28.18 -13.80 11.39
N ALA B 157 27.11 -13.87 12.18
CA ALA B 157 26.48 -15.14 12.45
C ALA B 157 25.71 -15.69 11.26
N LYS B 158 25.44 -14.87 10.23
CA LYS B 158 24.63 -15.27 9.09
C LYS B 158 23.25 -15.77 9.53
N LYS B 159 22.85 -15.43 10.77
CA LYS B 159 21.51 -15.63 11.29
C LYS B 159 21.04 -14.30 11.87
N GLY B 160 19.79 -14.28 12.32
CA GLY B 160 19.28 -13.13 13.06
C GLY B 160 17.96 -12.57 12.59
N CYS B 161 17.22 -11.99 13.53
CA CYS B 161 15.87 -11.49 13.29
C CYS B 161 15.72 -10.19 14.06
N ILE B 162 15.26 -9.13 13.40
CA ILE B 162 15.02 -7.84 14.04
C ILE B 162 13.54 -7.49 13.86
N ILE B 163 12.87 -7.16 14.96
CA ILE B 163 11.45 -6.83 14.95
C ILE B 163 11.27 -5.49 15.65
N PHE B 164 10.72 -4.50 14.95
CA PHE B 164 10.44 -3.19 15.51
C PHE B 164 8.96 -3.09 15.88
N THR B 165 8.67 -2.26 16.87
CA THR B 165 7.28 -1.92 17.21
C THR B 165 6.90 -0.63 16.50
N ALA B 166 6.07 -0.74 15.48
CA ALA B 166 5.51 0.45 14.87
C ALA B 166 4.19 0.75 15.58
N SER B 167 3.11 0.88 14.82
CA SER B 167 1.80 1.27 15.34
C SER B 167 0.79 1.18 14.19
N ALA B 168 -0.47 0.91 14.55
CA ALA B 168 -1.52 0.89 13.54
C ALA B 168 -1.65 2.22 12.83
N CYS B 169 -1.22 3.32 13.48
CA CYS B 169 -1.23 4.63 12.85
C CYS B 169 -0.38 4.67 11.59
N THR B 170 0.42 3.63 11.32
CA THR B 170 1.17 3.59 10.07
C THR B 170 0.28 3.33 8.86
N GLU B 171 -0.99 2.94 9.04
CA GLU B 171 -1.89 2.67 7.92
C GLU B 171 -3.21 3.42 7.98
N ILE B 172 -3.47 4.20 9.04
CA ILE B 172 -4.66 5.05 9.06
C ILE B 172 -4.37 6.23 9.97
N ALA B 173 -4.99 7.35 9.66
CA ALA B 173 -4.89 8.53 10.50
C ALA B 173 -6.00 8.53 11.53
N GLY B 174 -5.87 9.40 12.52
CA GLY B 174 -6.90 9.57 13.53
C GLY B 174 -6.74 8.69 14.74
N ILE B 175 -5.58 8.05 14.90
CA ILE B 175 -5.37 7.18 16.07
C ILE B 175 -4.01 7.41 16.70
N ALA B 176 -3.33 8.51 16.34
CA ALA B 176 -2.07 8.91 16.96
C ALA B 176 -1.72 10.34 16.56
N GLY B 177 -0.81 10.95 17.35
CA GLY B 177 -0.41 12.32 17.08
C GLY B 177 0.59 12.44 15.94
N HIS B 178 0.75 13.67 15.45
CA HIS B 178 1.54 13.88 14.24
C HIS B 178 2.97 13.40 14.42
N SER B 179 3.61 13.78 15.53
CA SER B 179 4.98 13.35 15.77
C SER B 179 5.07 11.81 15.88
N TYR B 180 4.13 11.20 16.59
CA TYR B 180 4.15 9.74 16.76
C TYR B 180 3.96 9.01 15.43
N THR B 181 2.96 9.38 14.64
CA THR B 181 2.75 8.67 13.39
C THR B 181 3.97 8.78 12.47
N ALA B 182 4.57 9.98 12.40
CA ALA B 182 5.71 10.16 11.50
C ALA B 182 6.92 9.37 11.97
N SER B 183 7.13 9.27 13.29
CA SER B 183 8.23 8.45 13.79
C SER B 183 8.02 6.98 13.45
N LYS B 184 6.76 6.52 13.53
CA LYS B 184 6.45 5.12 13.27
C LYS B 184 6.49 4.80 11.78
N TYR B 185 6.03 5.72 10.93
CA TYR B 185 6.27 5.58 9.50
C TYR B 185 7.74 5.39 9.20
N GLY B 186 8.61 6.16 9.87
CA GLY B 186 10.04 6.07 9.61
C GLY B 186 10.62 4.74 10.02
N ILE B 187 10.10 4.15 11.09
CA ILE B 187 10.48 2.80 11.47
C ILE B 187 10.13 1.82 10.34
N VAL B 188 8.95 1.98 9.75
CA VAL B 188 8.55 1.07 8.67
C VAL B 188 9.53 1.17 7.50
N GLY B 189 9.90 2.40 7.12
CA GLY B 189 10.91 2.58 6.08
C GLY B 189 12.27 1.99 6.47
N LEU B 190 12.68 2.20 7.72
CA LEU B 190 13.91 1.58 8.20
C LEU B 190 13.80 0.06 8.12
N MET B 191 12.66 -0.48 8.56
CA MET B 191 12.46 -1.93 8.55
C MET B 191 12.60 -2.51 7.15
N LYS B 192 12.02 -1.84 6.13
CA LYS B 192 12.10 -2.35 4.76
C LYS B 192 13.51 -2.23 4.21
N SER B 193 14.21 -1.14 4.54
CA SER B 193 15.59 -0.99 4.08
C SER B 193 16.51 -2.00 4.74
N LEU B 194 16.26 -2.33 6.00
CA LEU B 194 17.04 -3.37 6.67
C LEU B 194 16.72 -4.76 6.10
N ALA B 195 15.46 -5.00 5.73
CA ALA B 195 15.09 -6.31 5.18
C ALA B 195 15.85 -6.59 3.90
N VAL B 196 16.03 -5.58 3.04
CA VAL B 196 16.76 -5.76 1.79
C VAL B 196 18.25 -5.94 2.05
N GLU B 197 18.82 -5.11 2.92
CA GLU B 197 20.26 -5.16 3.17
C GLU B 197 20.65 -6.44 3.88
N LEU B 198 20.04 -6.70 5.03
CA LEU B 198 20.37 -7.87 5.83
C LEU B 198 19.78 -9.15 5.27
N GLY B 199 18.95 -9.06 4.22
CA GLY B 199 18.43 -10.26 3.59
C GLY B 199 19.52 -11.10 2.98
N SER B 200 20.59 -10.48 2.50
CA SER B 200 21.72 -11.20 1.93
C SER B 200 22.44 -12.07 2.95
N HIS B 201 22.24 -11.82 4.25
CA HIS B 201 22.90 -12.57 5.30
C HIS B 201 21.93 -13.49 6.03
N GLY B 202 20.76 -13.73 5.45
CA GLY B 202 19.77 -14.57 6.11
C GLY B 202 19.08 -13.93 7.28
N ILE B 203 19.00 -12.59 7.30
CA ILE B 203 18.47 -11.86 8.44
C ILE B 203 17.18 -11.18 8.01
N ARG B 204 16.15 -11.30 8.86
CA ARG B 204 14.83 -10.76 8.61
C ARG B 204 14.62 -9.49 9.45
N ALA B 205 13.83 -8.56 8.91
CA ALA B 205 13.43 -7.35 9.62
C ALA B 205 11.94 -7.16 9.42
N ASN B 206 11.21 -6.94 10.51
CA ASN B 206 9.75 -6.86 10.43
C ASN B 206 9.22 -5.86 11.44
N CYS B 207 8.00 -5.40 11.20
CA CYS B 207 7.27 -4.56 12.13
C CYS B 207 6.06 -5.30 12.66
N VAL B 208 5.61 -4.89 13.84
CA VAL B 208 4.27 -5.21 14.31
C VAL B 208 3.61 -3.87 14.64
N SER B 209 2.44 -3.62 14.05
CA SER B 209 1.73 -2.36 14.21
C SER B 209 0.43 -2.61 14.95
N PRO B 210 0.46 -2.62 16.29
CA PRO B 210 -0.75 -2.89 17.08
C PRO B 210 -1.69 -1.69 17.06
N PHE B 211 -2.88 -1.90 17.61
CA PHE B 211 -3.86 -0.83 17.61
C PHE B 211 -4.00 -0.18 18.98
N GLY B 212 -4.75 -0.80 19.90
CA GLY B 212 -5.08 -0.08 21.12
C GLY B 212 -4.65 -0.65 22.46
N VAL B 213 -3.48 -0.25 22.93
CA VAL B 213 -3.07 -0.52 24.31
C VAL B 213 -2.38 0.74 24.83
N LEU B 214 -3.05 1.46 25.75
CA LEU B 214 -2.52 2.65 26.41
C LEU B 214 -2.20 3.77 25.43
N MET B 227 -12.83 1.31 32.11
CA MET B 227 -13.46 2.26 31.20
C MET B 227 -12.76 2.30 29.83
N PHE B 228 -11.43 2.13 29.85
CA PHE B 228 -10.66 2.25 28.62
C PHE B 228 -11.01 1.14 27.63
N GLU B 229 -11.23 -0.08 28.12
CA GLU B 229 -11.62 -1.16 27.23
C GLU B 229 -13.01 -0.96 26.65
N GLY B 230 -13.91 -0.32 27.40
CA GLY B 230 -15.23 -0.03 26.86
C GLY B 230 -15.15 0.89 25.65
N ILE B 231 -14.25 1.88 25.69
CA ILE B 231 -14.05 2.74 24.54
C ILE B 231 -13.40 1.97 23.39
N MET B 232 -12.46 1.07 23.70
CA MET B 232 -11.86 0.24 22.65
C MET B 232 -12.89 -0.69 22.02
N SER B 233 -13.78 -1.26 22.83
CA SER B 233 -14.80 -2.16 22.27
C SER B 233 -15.81 -1.41 21.41
N LYS B 234 -15.88 -0.10 21.53
CA LYS B 234 -16.79 0.68 20.70
C LYS B 234 -16.15 1.07 19.37
N VAL B 235 -14.83 1.29 19.35
CA VAL B 235 -14.15 1.77 18.15
C VAL B 235 -13.59 0.65 17.29
N GLY B 236 -13.39 -0.55 17.85
CA GLY B 236 -12.77 -1.61 17.08
C GLY B 236 -13.69 -2.09 15.97
N ASN B 237 -13.08 -2.46 14.83
CA ASN B 237 -13.86 -2.98 13.72
C ASN B 237 -14.27 -4.43 13.99
N LEU B 238 -13.32 -5.23 14.46
CA LEU B 238 -13.55 -6.60 14.88
C LEU B 238 -14.15 -6.55 16.27
N LYS B 239 -15.46 -6.77 16.35
CA LYS B 239 -16.16 -6.68 17.63
C LYS B 239 -15.97 -7.95 18.45
N GLY B 240 -16.22 -7.82 19.74
CA GLY B 240 -16.08 -8.91 20.71
C GLY B 240 -14.76 -8.98 21.43
N LYS B 241 -13.65 -8.93 20.69
CA LYS B 241 -12.33 -9.14 21.26
C LYS B 241 -11.67 -7.80 21.59
N ILE B 242 -10.91 -7.78 22.69
CA ILE B 242 -10.13 -6.62 23.10
C ILE B 242 -8.66 -6.96 22.91
N LEU B 243 -7.87 -5.97 22.50
CA LEU B 243 -6.46 -6.19 22.21
C LEU B 243 -5.66 -5.99 23.49
N THR B 244 -4.81 -6.96 23.80
CA THR B 244 -4.01 -6.97 25.01
C THR B 244 -2.53 -7.09 24.66
N ALA B 245 -1.68 -6.90 25.67
CA ALA B 245 -0.24 -6.92 25.47
C ALA B 245 0.26 -8.29 25.00
N GLU B 246 -0.25 -9.40 25.59
CA GLU B 246 0.14 -10.72 25.09
C GLU B 246 -0.29 -10.94 23.65
N ASP B 247 -1.45 -10.37 23.26
CA ASP B 247 -1.88 -10.54 21.89
C ASP B 247 -0.82 -10.02 20.93
N VAL B 248 -0.26 -8.85 21.23
CA VAL B 248 0.84 -8.29 20.47
C VAL B 248 2.12 -9.11 20.69
N ALA B 249 2.29 -9.66 21.91
CA ALA B 249 3.48 -10.46 22.21
C ALA B 249 3.52 -11.76 21.43
N VAL B 250 2.37 -12.43 21.27
CA VAL B 250 2.37 -13.69 20.53
C VAL B 250 2.57 -13.41 19.04
N THR B 251 2.20 -12.21 18.58
CA THR B 251 2.51 -11.82 17.21
C THR B 251 4.01 -11.58 17.02
N VAL B 252 4.67 -10.98 18.02
CA VAL B 252 6.12 -10.84 17.95
C VAL B 252 6.77 -12.22 17.98
N LEU B 253 6.20 -13.13 18.78
CA LEU B 253 6.68 -14.51 18.83
C LEU B 253 6.62 -15.16 17.44
N TYR B 254 5.49 -15.01 16.75
CA TYR B 254 5.39 -15.57 15.40
C TYR B 254 6.47 -15.00 14.49
N LEU B 255 6.58 -13.67 14.44
CA LEU B 255 7.53 -13.01 13.54
C LEU B 255 8.96 -13.37 13.88
N ALA B 256 9.25 -13.64 15.17
CA ALA B 256 10.58 -14.01 15.60
C ALA B 256 10.83 -15.52 15.54
N SER B 257 9.79 -16.35 15.57
CA SER B 257 9.99 -17.79 15.52
C SER B 257 10.40 -18.24 14.12
N GLU B 258 10.96 -19.46 14.06
CA GLU B 258 11.34 -20.09 12.80
C GLU B 258 10.12 -20.36 11.93
N GLU B 259 8.95 -20.22 12.52
CA GLU B 259 7.70 -20.41 11.80
C GLU B 259 7.46 -19.30 10.78
N ALA B 260 8.13 -18.16 10.94
CA ALA B 260 8.08 -17.06 9.98
C ALA B 260 9.43 -16.89 9.29
N SER B 261 10.11 -18.01 9.03
CA SER B 261 11.45 -18.02 8.47
C SER B 261 11.56 -17.28 7.15
N TYR B 262 10.45 -17.14 6.42
CA TYR B 262 10.44 -16.47 5.13
C TYR B 262 9.58 -15.21 5.14
N VAL B 263 9.29 -14.66 6.33
CA VAL B 263 8.56 -13.41 6.46
C VAL B 263 9.56 -12.31 6.75
N SER B 264 9.71 -11.36 5.82
CA SER B 264 10.62 -10.25 6.00
C SER B 264 10.12 -9.08 5.16
N GLY B 265 10.36 -7.87 5.66
CA GLY B 265 9.90 -6.68 4.99
C GLY B 265 8.48 -6.31 5.34
N VAL B 266 7.88 -7.00 6.31
CA VAL B 266 6.45 -6.98 6.54
C VAL B 266 6.13 -6.10 7.75
N ASN B 267 5.13 -5.23 7.60
CA ASN B 267 4.59 -4.44 8.71
C ASN B 267 3.23 -5.05 9.05
N LEU B 268 3.23 -6.01 9.98
CA LEU B 268 2.06 -6.83 10.28
C LEU B 268 1.11 -6.10 11.21
N LEU B 269 -0.04 -5.67 10.71
CA LEU B 269 -0.98 -4.96 11.55
C LEU B 269 -1.79 -5.94 12.41
N VAL B 270 -1.99 -5.53 13.67
CA VAL B 270 -2.83 -6.23 14.63
C VAL B 270 -3.88 -5.24 15.09
N ASP B 271 -4.88 -4.98 14.24
CA ASP B 271 -5.86 -3.93 14.48
C ASP B 271 -7.31 -4.38 14.33
N GLY B 272 -7.58 -5.66 14.12
CA GLY B 272 -8.93 -6.14 13.92
C GLY B 272 -9.64 -5.49 12.75
N GLY B 273 -8.88 -5.07 11.74
CA GLY B 273 -9.41 -4.43 10.56
C GLY B 273 -9.74 -2.96 10.71
N TYR B 274 -9.25 -2.31 11.78
CA TYR B 274 -9.61 -0.91 11.98
C TYR B 274 -9.10 -0.02 10.83
N THR B 275 -7.91 -0.31 10.30
CA THR B 275 -7.28 0.58 9.34
C THR B 275 -7.74 0.36 7.90
N VAL B 276 -8.62 -0.59 7.62
CA VAL B 276 -8.96 -0.87 6.22
C VAL B 276 -10.29 -0.24 5.82
N VAL B 277 -10.97 0.43 6.73
CA VAL B 277 -12.31 0.96 6.50
C VAL B 277 -12.38 2.41 6.96
N ASN B 278 -13.14 3.22 6.22
CA ASN B 278 -13.61 4.50 6.73
C ASN B 278 -15.13 4.40 6.79
N PRO B 279 -15.71 4.14 7.96
CA PRO B 279 -17.15 3.90 8.07
C PRO B 279 -18.02 5.16 8.01
N THR B 280 -17.45 6.34 7.72
CA THR B 280 -18.25 7.56 7.75
C THR B 280 -19.46 7.44 6.83
N PHE B 281 -19.23 7.04 5.57
CA PHE B 281 -20.31 6.95 4.59
C PHE B 281 -21.36 5.95 5.03
N ILE B 282 -20.93 4.75 5.43
CA ILE B 282 -21.87 3.71 5.82
C ILE B 282 -22.67 4.16 7.03
N ASN B 283 -22.04 4.91 7.94
CA ASN B 283 -22.74 5.40 9.13
C ASN B 283 -23.80 6.42 8.75
N VAL B 284 -23.51 7.29 7.77
CA VAL B 284 -24.46 8.33 7.38
C VAL B 284 -25.67 7.73 6.68
N ILE B 285 -25.54 6.59 6.01
CA ILE B 285 -26.64 6.06 5.22
C ILE B 285 -27.18 4.71 5.70
N THR B 286 -26.58 4.03 6.67
CA THR B 286 -27.20 2.76 7.12
C THR B 286 -27.61 2.73 8.58
N ALA B 287 -26.90 3.42 9.46
CA ALA B 287 -27.06 3.30 10.92
C ALA B 287 -28.51 3.45 11.38
N ARG C 29 -3.81 -29.57 20.02
CA ARG C 29 -2.92 -28.42 19.98
C ARG C 29 -3.66 -27.11 19.68
N ARG C 30 -3.16 -26.34 18.68
CA ARG C 30 -3.65 -24.97 18.53
C ARG C 30 -5.03 -24.93 17.88
N LEU C 31 -5.38 -25.93 17.07
CA LEU C 31 -6.66 -25.96 16.38
C LEU C 31 -7.61 -27.03 16.92
N GLU C 32 -7.33 -27.58 18.11
CA GLU C 32 -8.11 -28.70 18.63
C GLU C 32 -9.60 -28.35 18.77
N GLY C 33 -10.44 -29.18 18.16
CA GLY C 33 -11.88 -29.02 18.13
C GLY C 33 -12.43 -28.07 17.08
N LYS C 34 -11.57 -27.45 16.28
CA LYS C 34 -12.02 -26.51 15.26
C LYS C 34 -12.24 -27.27 13.95
N VAL C 35 -13.16 -26.76 13.14
CA VAL C 35 -13.53 -27.37 11.86
C VAL C 35 -13.08 -26.44 10.73
N ALA C 36 -12.22 -26.95 9.86
CA ALA C 36 -11.65 -26.17 8.78
C ALA C 36 -12.02 -26.83 7.45
N ILE C 37 -12.50 -26.04 6.51
CA ILE C 37 -12.67 -26.45 5.12
C ILE C 37 -11.52 -25.87 4.31
N VAL C 38 -10.86 -26.69 3.51
CA VAL C 38 -9.71 -26.26 2.73
C VAL C 38 -9.99 -26.56 1.26
N THR C 39 -10.41 -25.54 0.51
CA THR C 39 -10.56 -25.69 -0.94
C THR C 39 -9.19 -25.76 -1.58
N GLY C 40 -9.10 -26.52 -2.67
CA GLY C 40 -7.81 -26.77 -3.28
C GLY C 40 -6.86 -27.61 -2.44
N GLY C 41 -7.38 -28.34 -1.45
CA GLY C 41 -6.55 -29.04 -0.51
C GLY C 41 -6.03 -30.39 -0.95
N ALA C 42 -6.19 -30.76 -2.23
CA ALA C 42 -5.66 -32.03 -2.69
C ALA C 42 -4.17 -31.98 -3.01
N SER C 43 -3.60 -30.80 -3.22
CA SER C 43 -2.19 -30.75 -3.55
C SER C 43 -1.57 -29.44 -3.08
N GLY C 44 -0.25 -29.48 -2.96
CA GLY C 44 0.51 -28.28 -2.67
C GLY C 44 0.12 -27.60 -1.37
N ILE C 45 -0.03 -26.28 -1.46
CA ILE C 45 -0.28 -25.46 -0.28
C ILE C 45 -1.51 -25.94 0.48
N GLY C 46 -2.60 -26.21 -0.25
CA GLY C 46 -3.80 -26.68 0.42
C GLY C 46 -3.59 -27.98 1.15
N ALA C 47 -2.86 -28.92 0.53
CA ALA C 47 -2.59 -30.20 1.16
C ALA C 47 -1.67 -30.05 2.37
N SER C 48 -0.64 -29.22 2.27
CA SER C 48 0.23 -28.97 3.42
C SER C 48 -0.53 -28.37 4.59
N THR C 49 -1.49 -27.49 4.29
CA THR C 49 -2.31 -26.93 5.35
C THR C 49 -3.24 -27.99 5.94
N VAL C 50 -3.74 -28.91 5.12
CA VAL C 50 -4.61 -29.98 5.61
C VAL C 50 -3.85 -30.85 6.60
N ARG C 51 -2.63 -31.24 6.24
CA ARG C 51 -1.82 -32.06 7.14
C ARG C 51 -1.52 -31.33 8.45
N LEU C 52 -1.10 -30.06 8.34
CA LEU C 52 -0.76 -29.28 9.53
C LEU C 52 -2.00 -29.04 10.39
N PHE C 53 -3.12 -28.64 9.78
CA PHE C 53 -4.37 -28.50 10.53
C PHE C 53 -4.76 -29.81 11.20
N HIS C 54 -4.50 -30.93 10.51
CA HIS C 54 -4.75 -32.24 11.09
C HIS C 54 -3.84 -32.51 12.28
N ASP C 55 -2.54 -32.19 12.14
CA ASP C 55 -1.59 -32.40 13.24
C ASP C 55 -1.96 -31.58 14.47
N HIS C 56 -2.63 -30.43 14.28
CA HIS C 56 -3.02 -29.56 15.37
C HIS C 56 -4.44 -29.83 15.86
N GLY C 57 -5.03 -30.95 15.47
CA GLY C 57 -6.26 -31.42 16.08
C GLY C 57 -7.55 -30.89 15.50
N ALA C 58 -7.52 -30.33 14.31
CA ALA C 58 -8.73 -29.84 13.66
C ALA C 58 -9.37 -30.94 12.82
N LYS C 59 -10.70 -30.89 12.73
CA LYS C 59 -11.41 -31.69 11.74
C LYS C 59 -11.31 -30.95 10.42
N VAL C 60 -10.77 -31.60 9.40
CA VAL C 60 -10.51 -30.93 8.12
C VAL C 60 -11.21 -31.69 7.01
N VAL C 61 -12.02 -30.98 6.23
CA VAL C 61 -12.62 -31.51 5.02
C VAL C 61 -11.86 -30.93 3.83
N ILE C 62 -11.18 -31.82 3.10
CA ILE C 62 -10.51 -31.45 1.86
C ILE C 62 -11.56 -31.21 0.78
N ALA C 63 -11.51 -30.03 0.17
CA ALA C 63 -12.41 -29.68 -0.93
C ALA C 63 -11.55 -29.51 -2.17
N ASP C 64 -11.87 -30.23 -3.24
CA ASP C 64 -11.04 -30.17 -4.44
C ASP C 64 -11.79 -30.79 -5.62
N ILE C 65 -11.13 -30.81 -6.77
CA ILE C 65 -11.63 -31.47 -7.96
C ILE C 65 -10.69 -32.54 -8.49
N GLN C 66 -9.55 -32.75 -7.84
CA GLN C 66 -8.72 -33.92 -8.12
C GLN C 66 -9.14 -35.02 -7.15
N ASP C 67 -10.04 -35.88 -7.61
CA ASP C 67 -10.77 -36.78 -6.74
C ASP C 67 -9.89 -37.91 -6.21
N ASP C 68 -8.99 -38.43 -7.05
CA ASP C 68 -8.10 -39.49 -6.58
C ASP C 68 -7.16 -38.97 -5.50
N LEU C 69 -6.48 -37.86 -5.78
CA LEU C 69 -5.57 -37.25 -4.81
C LEU C 69 -6.31 -36.85 -3.54
N GLY C 70 -7.47 -36.20 -3.71
CA GLY C 70 -8.19 -35.69 -2.56
C GLY C 70 -8.72 -36.78 -1.66
N GLN C 71 -9.36 -37.80 -2.27
CA GLN C 71 -9.94 -38.88 -1.47
C GLN C 71 -8.88 -39.73 -0.81
N THR C 72 -7.80 -40.07 -1.54
CA THR C 72 -6.76 -40.91 -0.96
C THR C 72 -6.08 -40.22 0.22
N LEU C 73 -5.82 -38.90 0.12
CA LEU C 73 -5.18 -38.20 1.23
C LEU C 73 -6.07 -38.15 2.46
N ALA C 74 -7.35 -37.85 2.28
CA ALA C 74 -8.24 -37.75 3.43
C ALA C 74 -8.43 -39.10 4.12
N ASP C 75 -8.33 -40.21 3.37
CA ASP C 75 -8.46 -41.53 3.98
C ASP C 75 -7.18 -41.94 4.69
N ARG C 76 -6.02 -41.69 4.05
CA ARG C 76 -4.72 -41.97 4.69
C ARG C 76 -4.49 -41.06 5.90
N LEU C 77 -4.97 -39.82 5.85
CA LEU C 77 -4.76 -38.94 6.99
C LEU C 77 -5.56 -39.40 8.19
N GLY C 78 -6.72 -40.00 7.98
CA GLY C 78 -7.41 -40.66 9.05
C GLY C 78 -8.88 -40.34 9.23
N ARG C 79 -9.28 -40.28 10.51
CA ARG C 79 -10.68 -40.22 10.90
C ARG C 79 -11.22 -38.79 10.84
N ASN C 80 -10.46 -37.83 11.35
CA ASN C 80 -10.90 -36.43 11.37
C ASN C 80 -10.82 -35.76 10.01
N ILE C 81 -10.35 -36.45 8.99
CA ILE C 81 -10.17 -35.89 7.65
C ILE C 81 -11.14 -36.61 6.71
N SER C 82 -12.08 -35.84 6.16
CA SER C 82 -13.03 -36.26 5.15
C SER C 82 -12.69 -35.59 3.82
N TYR C 83 -13.36 -36.04 2.75
CA TYR C 83 -13.22 -35.43 1.43
C TYR C 83 -14.59 -35.07 0.92
N THR C 84 -14.63 -34.00 0.14
CA THR C 84 -15.85 -33.54 -0.51
C THR C 84 -15.43 -32.94 -1.84
N HIS C 85 -15.88 -33.54 -2.94
CA HIS C 85 -15.64 -32.95 -4.24
C HIS C 85 -16.40 -31.64 -4.36
N CYS C 86 -15.71 -30.59 -4.82
CA CYS C 86 -16.35 -29.28 -4.96
C CYS C 86 -15.61 -28.47 -6.02
N ASP C 87 -16.24 -28.28 -7.18
CA ASP C 87 -15.81 -27.29 -8.16
C ASP C 87 -16.27 -25.94 -7.62
N VAL C 88 -15.31 -25.06 -7.27
CA VAL C 88 -15.66 -23.81 -6.59
C VAL C 88 -16.42 -22.83 -7.49
N THR C 89 -16.34 -23.00 -8.82
CA THR C 89 -17.14 -22.12 -9.67
C THR C 89 -18.63 -22.45 -9.64
N ASP C 90 -19.03 -23.60 -9.06
CA ASP C 90 -20.42 -24.05 -9.02
C ASP C 90 -20.97 -23.75 -7.62
N GLU C 91 -21.81 -22.71 -7.52
CA GLU C 91 -22.31 -22.27 -6.21
C GLU C 91 -23.06 -23.40 -5.52
N ASP C 92 -23.70 -24.28 -6.29
CA ASP C 92 -24.47 -25.38 -5.70
C ASP C 92 -23.53 -26.39 -5.03
N GLN C 93 -22.41 -26.69 -5.68
CA GLN C 93 -21.38 -27.53 -5.06
C GLN C 93 -20.77 -26.84 -3.83
N VAL C 94 -20.58 -25.52 -3.89
CA VAL C 94 -20.01 -24.81 -2.75
C VAL C 94 -20.99 -24.78 -1.59
N ARG C 95 -22.24 -24.41 -1.87
CA ARG C 95 -23.27 -24.42 -0.83
C ARG C 95 -23.40 -25.80 -0.20
N ALA C 96 -23.28 -26.85 -1.00
CA ALA C 96 -23.36 -28.22 -0.49
C ALA C 96 -22.12 -28.59 0.31
N LEU C 97 -20.94 -28.12 -0.12
CA LEU C 97 -19.71 -28.40 0.59
C LEU C 97 -19.80 -27.94 2.05
N VAL C 98 -20.22 -26.70 2.26
CA VAL C 98 -20.31 -26.21 3.62
C VAL C 98 -21.47 -26.87 4.36
N ASP C 99 -22.61 -27.08 3.67
CA ASP C 99 -23.77 -27.65 4.36
C ASP C 99 -23.52 -29.06 4.86
N ALA C 100 -22.88 -29.90 4.04
CA ALA C 100 -22.54 -31.25 4.51
C ALA C 100 -21.45 -31.19 5.58
N ALA C 101 -20.55 -30.22 5.50
CA ALA C 101 -19.54 -30.07 6.54
C ALA C 101 -20.16 -29.63 7.85
N VAL C 102 -21.15 -28.73 7.79
CA VAL C 102 -21.89 -28.33 8.99
C VAL C 102 -22.64 -29.51 9.58
N ALA C 103 -23.28 -30.32 8.71
CA ALA C 103 -24.00 -31.48 9.21
C ALA C 103 -23.03 -32.46 9.87
N LYS C 104 -21.86 -32.69 9.27
CA LYS C 104 -20.96 -33.69 9.80
C LYS C 104 -20.34 -33.26 11.12
N HIS C 105 -20.08 -31.96 11.29
CA HIS C 105 -19.23 -31.50 12.38
C HIS C 105 -19.84 -30.43 13.28
N GLY C 106 -21.01 -29.90 12.94
CA GLY C 106 -21.68 -28.92 13.76
C GLY C 106 -21.51 -27.48 13.29
N GLY C 107 -20.40 -27.18 12.62
CA GLY C 107 -20.13 -25.83 12.15
C GLY C 107 -18.77 -25.76 11.48
N VAL C 108 -18.46 -24.57 10.97
CA VAL C 108 -17.19 -24.32 10.28
C VAL C 108 -16.46 -23.19 11.01
N ASP C 109 -15.26 -23.48 11.51
CA ASP C 109 -14.43 -22.49 12.19
C ASP C 109 -13.48 -21.76 11.24
N ILE C 110 -12.89 -22.50 10.31
CA ILE C 110 -11.85 -21.99 9.42
C ILE C 110 -12.29 -22.30 7.99
N MET C 111 -12.23 -21.29 7.11
CA MET C 111 -12.39 -21.49 5.68
C MET C 111 -11.13 -21.01 4.98
N PHE C 112 -10.36 -21.94 4.46
CA PHE C 112 -9.14 -21.62 3.70
C PHE C 112 -9.50 -21.71 2.22
N SER C 113 -9.91 -20.57 1.64
CA SER C 113 -10.25 -20.48 0.23
C SER C 113 -8.95 -20.42 -0.56
N ASN C 114 -8.42 -21.60 -0.90
CA ASN C 114 -7.13 -21.73 -1.55
C ASN C 114 -7.18 -22.20 -3.01
N ALA C 115 -8.30 -22.74 -3.46
CA ALA C 115 -8.37 -23.28 -4.82
C ALA C 115 -8.06 -22.21 -5.87
N GLY C 116 -7.10 -22.50 -6.75
CA GLY C 116 -6.82 -21.59 -7.85
C GLY C 116 -5.93 -22.20 -8.92
N ILE C 117 -5.84 -21.49 -10.03
CA ILE C 117 -4.94 -21.77 -11.14
C ILE C 117 -4.03 -20.54 -11.33
N VAL C 118 -2.82 -20.78 -11.82
CA VAL C 118 -1.75 -19.78 -11.86
C VAL C 118 -1.32 -19.50 -13.30
N GLU C 119 -0.96 -18.25 -13.57
CA GLU C 119 -0.30 -17.85 -14.81
C GLU C 119 1.04 -17.20 -14.47
N GLY C 120 2.08 -17.57 -15.23
CA GLY C 120 3.35 -16.89 -15.12
C GLY C 120 3.34 -15.60 -15.92
N PRO C 121 4.45 -14.87 -15.86
CA PRO C 121 4.53 -13.61 -16.61
C PRO C 121 4.24 -13.82 -18.08
N ASN C 122 3.35 -12.99 -18.62
CA ASN C 122 2.94 -13.11 -20.00
C ASN C 122 2.73 -11.70 -20.56
N SER C 123 2.19 -11.63 -21.77
CA SER C 123 1.90 -10.36 -22.42
C SER C 123 0.40 -10.16 -22.54
N ILE C 124 -0.02 -8.89 -22.54
CA ILE C 124 -1.43 -8.57 -22.73
C ILE C 124 -1.92 -9.06 -24.10
N PHE C 125 -1.00 -9.37 -25.02
CA PHE C 125 -1.38 -9.94 -26.30
C PHE C 125 -1.71 -11.43 -26.23
N ASP C 126 -1.32 -12.12 -25.16
CA ASP C 126 -1.65 -13.53 -24.93
C ASP C 126 -2.96 -13.77 -24.21
N VAL C 127 -3.70 -12.73 -23.83
CA VAL C 127 -4.92 -12.96 -23.06
C VAL C 127 -6.07 -13.25 -24.03
N ASP C 128 -6.66 -14.43 -23.88
CA ASP C 128 -7.82 -14.87 -24.63
C ASP C 128 -9.04 -14.71 -23.72
N LYS C 129 -10.10 -14.06 -24.23
CA LYS C 129 -11.25 -13.71 -23.40
C LYS C 129 -11.83 -14.92 -22.67
N ASP C 130 -11.68 -16.12 -23.25
CA ASP C 130 -12.18 -17.32 -22.59
C ASP C 130 -11.23 -17.75 -21.46
N GLU C 131 -9.94 -17.88 -21.76
N GLU C 131 -9.95 -17.89 -21.76
CA GLU C 131 -8.97 -18.25 -20.73
CA GLU C 131 -9.00 -18.27 -20.72
C GLU C 131 -9.03 -17.27 -19.56
C GLU C 131 -9.03 -17.27 -19.55
N LEU C 132 -9.31 -16.00 -19.85
CA LEU C 132 -9.46 -15.00 -18.80
C LEU C 132 -10.70 -15.25 -17.96
N GLU C 133 -11.85 -15.46 -18.61
CA GLU C 133 -13.09 -15.68 -17.87
C GLU C 133 -13.02 -16.99 -17.10
N ARG C 134 -12.29 -17.96 -17.63
CA ARG C 134 -12.07 -19.20 -16.91
C ARG C 134 -11.22 -18.95 -15.67
N LEU C 135 -10.06 -18.31 -15.86
CA LEU C 135 -9.19 -17.95 -14.74
C LEU C 135 -9.95 -17.16 -13.69
N MET C 136 -10.73 -16.18 -14.11
CA MET C 136 -11.48 -15.38 -13.13
C MET C 136 -12.50 -16.22 -12.39
N GLY C 137 -13.13 -17.17 -13.08
CA GLY C 137 -14.17 -17.97 -12.44
C GLY C 137 -13.64 -18.82 -11.30
N ILE C 138 -12.51 -19.49 -11.52
CA ILE C 138 -11.93 -20.31 -10.46
C ILE C 138 -11.36 -19.44 -9.35
N ASN C 139 -10.56 -18.42 -9.71
CA ASN C 139 -9.75 -17.72 -8.72
C ASN C 139 -10.56 -16.71 -7.92
N LEU C 140 -11.37 -15.91 -8.61
CA LEU C 140 -12.06 -14.80 -7.97
C LEU C 140 -13.50 -15.12 -7.62
N VAL C 141 -14.27 -15.67 -8.56
CA VAL C 141 -15.66 -16.07 -8.29
C VAL C 141 -15.69 -17.21 -7.28
N GLY C 142 -14.79 -18.17 -7.43
CA GLY C 142 -14.67 -19.22 -6.42
C GLY C 142 -14.39 -18.63 -5.05
N ALA C 143 -13.52 -17.62 -5.01
CA ALA C 143 -13.21 -16.96 -3.74
C ALA C 143 -14.44 -16.29 -3.15
N PHE C 144 -15.21 -15.59 -3.98
CA PHE C 144 -16.47 -15.02 -3.52
C PHE C 144 -17.40 -16.10 -2.96
N LEU C 145 -17.66 -17.17 -3.73
CA LEU C 145 -18.60 -18.20 -3.29
C LEU C 145 -18.13 -18.88 -2.01
N ALA C 146 -16.86 -19.32 -1.99
CA ALA C 146 -16.31 -19.97 -0.80
C ALA C 146 -16.44 -19.10 0.42
N ALA C 147 -16.41 -17.78 0.24
CA ALA C 147 -16.60 -16.86 1.35
C ALA C 147 -18.08 -16.67 1.67
N LYS C 148 -18.91 -16.52 0.63
CA LYS C 148 -20.34 -16.28 0.83
C LYS C 148 -20.98 -17.35 1.71
N HIS C 149 -20.72 -18.62 1.40
CA HIS C 149 -21.36 -19.69 2.17
C HIS C 149 -20.61 -20.00 3.44
N ALA C 150 -19.31 -19.73 3.49
CA ALA C 150 -18.63 -19.75 4.78
C ALA C 150 -19.22 -18.71 5.73
N ALA C 151 -19.52 -17.50 5.23
CA ALA C 151 -20.16 -16.49 6.08
C ALA C 151 -21.58 -16.90 6.46
N ARG C 152 -22.30 -17.53 5.52
CA ARG C 152 -23.69 -17.96 5.78
C ARG C 152 -23.80 -18.74 7.08
N VAL C 153 -22.90 -19.69 7.30
CA VAL C 153 -22.95 -20.50 8.50
C VAL C 153 -22.10 -19.92 9.64
N MET C 154 -21.10 -19.08 9.32
CA MET C 154 -20.28 -18.50 10.38
C MET C 154 -20.99 -17.38 11.11
N VAL C 155 -21.71 -16.51 10.37
CA VAL C 155 -22.36 -15.36 11.00
C VAL C 155 -23.29 -15.76 12.14
N PRO C 156 -24.20 -16.73 11.99
CA PRO C 156 -25.03 -17.12 13.14
C PRO C 156 -24.22 -17.66 14.30
N ALA C 157 -23.10 -18.33 14.04
CA ALA C 157 -22.25 -18.83 15.12
C ALA C 157 -21.47 -17.73 15.83
N LYS C 158 -21.47 -16.49 15.29
CA LYS C 158 -20.74 -15.35 15.86
C LYS C 158 -19.25 -15.66 16.05
N LYS C 159 -18.70 -16.53 15.19
CA LYS C 159 -17.33 -17.01 15.32
C LYS C 159 -16.91 -17.55 13.96
N GLY C 160 -15.64 -17.38 13.62
CA GLY C 160 -15.15 -17.88 12.35
C GLY C 160 -14.00 -17.06 11.80
N CYS C 161 -13.22 -17.72 10.94
CA CYS C 161 -12.03 -17.17 10.33
C CYS C 161 -12.01 -17.62 8.87
N ILE C 162 -11.85 -16.67 7.95
CA ILE C 162 -11.79 -16.95 6.52
C ILE C 162 -10.43 -16.49 6.01
N ILE C 163 -9.72 -17.39 5.33
CA ILE C 163 -8.38 -17.09 4.82
C ILE C 163 -8.34 -17.39 3.33
N PHE C 164 -7.97 -16.38 2.53
CA PHE C 164 -7.78 -16.54 1.09
C PHE C 164 -6.30 -16.66 0.73
N THR C 165 -6.02 -17.42 -0.31
CA THR C 165 -4.66 -17.47 -0.86
C THR C 165 -4.58 -16.46 -1.99
N ALA C 166 -3.85 -15.37 -1.77
CA ALA C 166 -3.58 -14.42 -2.84
C ALA C 166 -2.28 -14.81 -3.52
N SER C 167 -1.33 -13.88 -3.61
CA SER C 167 -0.08 -14.13 -4.31
C SER C 167 0.85 -12.94 -4.06
N ALA C 168 2.15 -13.23 -4.07
CA ALA C 168 3.09 -12.14 -3.92
C ALA C 168 2.89 -11.10 -5.02
N CYS C 169 2.37 -11.50 -6.18
CA CYS C 169 2.10 -10.55 -7.25
C CYS C 169 1.07 -9.50 -6.85
N THR C 170 0.41 -9.67 -5.71
CA THR C 170 -0.51 -8.62 -5.25
C THR C 170 0.23 -7.38 -4.74
N GLU C 171 1.56 -7.45 -4.57
CA GLU C 171 2.32 -6.31 -4.08
C GLU C 171 3.49 -5.94 -4.98
N ILE C 172 3.73 -6.68 -6.06
CA ILE C 172 4.74 -6.32 -7.04
C ILE C 172 4.34 -6.90 -8.39
N ALA C 173 4.77 -6.22 -9.46
CA ALA C 173 4.62 -6.72 -10.81
C ALA C 173 5.87 -7.49 -11.23
N GLY C 174 5.80 -8.13 -12.39
CA GLY C 174 6.93 -8.82 -12.96
C GLY C 174 7.10 -10.26 -12.52
N ILE C 175 6.11 -10.85 -11.85
CA ILE C 175 6.23 -12.24 -11.42
C ILE C 175 4.98 -13.06 -11.67
N ALA C 176 4.03 -12.55 -12.45
CA ALA C 176 2.82 -13.30 -12.74
C ALA C 176 2.12 -12.69 -13.94
N GLY C 177 1.19 -13.45 -14.52
CA GLY C 177 0.48 -12.99 -15.70
C GLY C 177 -0.62 -12.01 -15.37
N HIS C 178 -1.11 -11.33 -16.41
CA HIS C 178 -2.06 -10.25 -16.21
C HIS C 178 -3.36 -10.75 -15.57
N SER C 179 -3.97 -11.81 -16.15
CA SER C 179 -5.21 -12.34 -15.60
C SER C 179 -5.01 -12.83 -14.17
N TYR C 180 -3.92 -13.56 -13.93
CA TYR C 180 -3.66 -14.06 -12.59
C TYR C 180 -3.47 -12.92 -11.59
N THR C 181 -2.63 -11.94 -11.90
CA THR C 181 -2.46 -10.84 -10.94
C THR C 181 -3.77 -10.13 -10.71
N ALA C 182 -4.57 -9.94 -11.77
CA ALA C 182 -5.82 -9.21 -11.59
C ALA C 182 -6.79 -9.99 -10.70
N SER C 183 -6.83 -11.32 -10.84
CA SER C 183 -7.70 -12.12 -9.97
C SER C 183 -7.28 -12.00 -8.51
N LYS C 184 -5.97 -11.98 -8.25
CA LYS C 184 -5.47 -11.94 -6.87
C LYS C 184 -5.65 -10.57 -6.24
N TYR C 185 -5.48 -9.50 -7.02
CA TYR C 185 -5.86 -8.17 -6.56
C TYR C 185 -7.33 -8.15 -6.15
N GLY C 186 -8.21 -8.81 -6.91
CA GLY C 186 -9.62 -8.82 -6.57
C GLY C 186 -9.91 -9.61 -5.31
N ILE C 187 -9.17 -10.69 -5.07
CA ILE C 187 -9.28 -11.43 -3.83
C ILE C 187 -8.96 -10.54 -2.65
N VAL C 188 -7.92 -9.70 -2.78
CA VAL C 188 -7.52 -8.81 -1.70
C VAL C 188 -8.61 -7.78 -1.41
N GLY C 189 -9.21 -7.20 -2.45
CA GLY C 189 -10.34 -6.31 -2.22
C GLY C 189 -11.49 -7.01 -1.52
N LEU C 190 -11.80 -8.24 -1.94
CA LEU C 190 -12.84 -9.04 -1.29
C LEU C 190 -12.52 -9.28 0.18
N MET C 191 -11.27 -9.64 0.47
CA MET C 191 -10.87 -9.94 1.85
C MET C 191 -11.08 -8.74 2.75
N LYS C 192 -10.72 -7.55 2.27
CA LYS C 192 -10.84 -6.35 3.09
C LYS C 192 -12.29 -5.96 3.30
N SER C 193 -13.14 -6.12 2.28
CA SER C 193 -14.55 -5.79 2.47
C SER C 193 -15.25 -6.80 3.38
N LEU C 194 -14.83 -8.07 3.33
CA LEU C 194 -15.34 -9.07 4.28
C LEU C 194 -14.85 -8.80 5.69
N ALA C 195 -13.63 -8.30 5.81
CA ALA C 195 -13.10 -7.98 7.14
C ALA C 195 -13.97 -6.95 7.84
N VAL C 196 -14.49 -5.98 7.08
CA VAL C 196 -15.36 -4.96 7.67
C VAL C 196 -16.74 -5.52 7.95
N GLU C 197 -17.31 -6.26 6.98
CA GLU C 197 -18.69 -6.72 7.12
C GLU C 197 -18.81 -7.78 8.21
N LEU C 198 -18.01 -8.84 8.13
CA LEU C 198 -18.09 -9.93 9.10
C LEU C 198 -17.43 -9.59 10.44
N GLY C 199 -16.76 -8.44 10.54
CA GLY C 199 -16.17 -8.04 11.80
C GLY C 199 -17.20 -7.79 12.88
N SER C 200 -18.41 -7.38 12.48
CA SER C 200 -19.47 -7.15 13.46
C SER C 200 -19.87 -8.43 14.19
N HIS C 201 -19.55 -9.60 13.63
CA HIS C 201 -19.93 -10.89 14.21
C HIS C 201 -18.74 -11.63 14.82
N GLY C 202 -17.62 -10.94 15.05
CA GLY C 202 -16.47 -11.62 15.61
C GLY C 202 -15.77 -12.54 14.64
N ILE C 203 -15.88 -12.25 13.35
CA ILE C 203 -15.36 -13.11 12.28
C ILE C 203 -14.20 -12.38 11.60
N ARG C 204 -13.10 -13.09 11.43
CA ARG C 204 -11.87 -12.54 10.85
C ARG C 204 -11.68 -13.01 9.41
N ALA C 205 -11.11 -12.13 8.59
CA ALA C 205 -10.80 -12.44 7.20
C ALA C 205 -9.40 -11.95 6.87
N ASN C 206 -8.57 -12.83 6.31
CA ASN C 206 -7.19 -12.47 5.97
C ASN C 206 -6.76 -13.20 4.71
N CYS C 207 -5.71 -12.66 4.08
CA CYS C 207 -5.04 -13.26 2.92
C CYS C 207 -3.63 -13.72 3.29
N VAL C 208 -3.11 -14.64 2.49
CA VAL C 208 -1.69 -14.97 2.47
C VAL C 208 -1.19 -14.82 1.03
N SER C 209 -0.05 -14.12 0.87
CA SER C 209 0.53 -13.88 -0.44
C SER C 209 1.86 -14.62 -0.54
N PRO C 210 1.87 -15.89 -0.93
CA PRO C 210 3.15 -16.60 -1.05
C PRO C 210 3.90 -16.17 -2.30
N PHE C 211 5.18 -16.56 -2.32
CA PHE C 211 6.09 -16.24 -3.43
C PHE C 211 6.80 -17.49 -3.92
N GLY C 212 6.38 -18.03 -5.06
CA GLY C 212 6.94 -19.25 -5.61
C GLY C 212 7.21 -20.42 -4.70
N VAL C 213 6.18 -21.19 -4.37
CA VAL C 213 6.32 -22.45 -3.66
C VAL C 213 6.25 -23.59 -4.67
N LEU C 214 7.16 -24.55 -4.53
CA LEU C 214 7.14 -25.77 -5.33
C LEU C 214 5.85 -26.54 -5.07
N THR C 215 5.01 -26.64 -6.11
CA THR C 215 3.62 -27.05 -5.92
C THR C 215 3.16 -27.75 -7.20
N GLY C 216 1.86 -28.02 -7.27
CA GLY C 216 1.25 -28.60 -8.47
C GLY C 216 1.33 -27.71 -9.69
N ILE C 217 1.83 -26.48 -9.55
CA ILE C 217 2.26 -25.67 -10.68
C ILE C 217 3.37 -26.44 -11.38
N VAL C 218 4.48 -26.61 -10.67
CA VAL C 218 5.66 -27.29 -11.20
C VAL C 218 5.39 -28.79 -11.31
N PRO C 219 5.73 -29.42 -12.44
CA PRO C 219 5.55 -30.88 -12.56
C PRO C 219 6.33 -31.69 -11.53
N ASP C 220 6.22 -33.01 -11.62
CA ASP C 220 6.79 -33.90 -10.62
C ASP C 220 8.22 -34.32 -10.89
N ASP C 221 8.80 -33.90 -12.04
CA ASP C 221 10.21 -34.18 -12.27
C ASP C 221 11.04 -33.60 -11.14
N GLU C 222 11.91 -34.43 -10.55
CA GLU C 222 12.89 -33.90 -9.59
C GLU C 222 13.73 -32.81 -10.24
N ALA C 223 14.03 -32.96 -11.54
CA ALA C 223 14.70 -31.89 -12.27
C ALA C 223 13.86 -30.62 -12.28
N SER C 224 12.61 -30.74 -12.71
CA SER C 224 11.73 -29.57 -12.73
C SER C 224 11.52 -28.98 -11.34
N LYS C 225 11.77 -29.75 -10.28
CA LYS C 225 11.64 -29.20 -8.93
C LYS C 225 12.92 -28.46 -8.53
N LEU C 226 14.08 -29.11 -8.65
CA LEU C 226 15.33 -28.48 -8.24
C LEU C 226 15.58 -27.18 -9.00
N MET C 227 15.13 -27.09 -10.25
CA MET C 227 15.36 -25.88 -11.02
C MET C 227 14.44 -24.75 -10.58
N PHE C 228 13.16 -25.07 -10.32
CA PHE C 228 12.25 -24.08 -9.78
C PHE C 228 12.78 -23.52 -8.46
N GLU C 229 13.17 -24.41 -7.54
CA GLU C 229 13.64 -23.93 -6.24
C GLU C 229 14.98 -23.20 -6.36
N GLY C 230 15.85 -23.65 -7.25
CA GLY C 230 17.14 -22.98 -7.39
C GLY C 230 17.03 -21.55 -7.91
N ILE C 231 16.19 -21.33 -8.91
CA ILE C 231 15.93 -19.99 -9.39
C ILE C 231 15.21 -19.17 -8.34
N MET C 232 14.30 -19.78 -7.58
CA MET C 232 13.65 -19.06 -6.50
C MET C 232 14.66 -18.61 -5.45
N SER C 233 15.70 -19.41 -5.20
CA SER C 233 16.76 -18.96 -4.29
C SER C 233 17.60 -17.84 -4.90
N LYS C 234 17.77 -17.83 -6.22
CA LYS C 234 18.51 -16.74 -6.86
C LYS C 234 17.72 -15.43 -6.79
N VAL C 235 16.47 -15.46 -7.26
CA VAL C 235 15.64 -14.27 -7.34
C VAL C 235 15.18 -13.81 -5.97
N GLY C 236 15.26 -14.67 -4.96
CA GLY C 236 14.77 -14.31 -3.65
C GLY C 236 15.65 -13.28 -2.96
N ASN C 237 15.00 -12.37 -2.21
CA ASN C 237 15.74 -11.37 -1.45
C ASN C 237 16.36 -11.97 -0.20
N LEU C 238 15.56 -12.68 0.59
CA LEU C 238 16.07 -13.33 1.78
C LEU C 238 16.75 -14.63 1.39
N LYS C 239 18.08 -14.60 1.36
CA LYS C 239 18.85 -15.78 0.99
C LYS C 239 18.99 -16.72 2.17
N GLY C 240 19.29 -17.99 1.87
CA GLY C 240 19.55 -18.97 2.91
C GLY C 240 18.39 -19.81 3.37
N LYS C 241 17.17 -19.59 2.86
CA LYS C 241 16.09 -20.55 3.06
C LYS C 241 15.19 -20.55 1.83
N ILE C 242 14.62 -21.72 1.54
CA ILE C 242 13.70 -21.90 0.42
C ILE C 242 12.28 -21.83 0.95
N LEU C 243 11.37 -21.27 0.15
CA LEU C 243 9.98 -21.20 0.54
C LEU C 243 9.28 -22.47 0.04
N THR C 244 8.58 -23.15 0.94
CA THR C 244 7.88 -24.39 0.64
C THR C 244 6.42 -24.25 1.03
N ALA C 245 5.62 -25.26 0.65
CA ALA C 245 4.21 -25.25 0.98
C ALA C 245 3.99 -25.28 2.49
N GLU C 246 4.79 -26.08 3.22
CA GLU C 246 4.65 -26.18 4.68
C GLU C 246 4.90 -24.84 5.36
N ASP C 247 5.86 -24.05 4.82
CA ASP C 247 6.13 -22.70 5.31
C ASP C 247 4.88 -21.85 5.19
N VAL C 248 4.17 -21.96 4.05
CA VAL C 248 2.91 -21.25 3.89
C VAL C 248 1.84 -21.85 4.80
N ALA C 249 1.90 -23.14 5.07
CA ALA C 249 0.92 -23.76 5.96
C ALA C 249 1.04 -23.21 7.38
N VAL C 250 2.26 -22.97 7.84
CA VAL C 250 2.44 -22.50 9.21
C VAL C 250 1.95 -21.05 9.36
N THR C 251 2.00 -20.26 8.29
CA THR C 251 1.41 -18.93 8.36
C THR C 251 -0.12 -19.00 8.35
N VAL C 252 -0.69 -19.90 7.56
CA VAL C 252 -2.15 -20.08 7.60
C VAL C 252 -2.57 -20.57 8.97
N LEU C 253 -1.79 -21.48 9.58
CA LEU C 253 -2.08 -21.90 10.94
C LEU C 253 -2.07 -20.70 11.88
N TYR C 254 -1.06 -19.83 11.76
CA TYR C 254 -1.03 -18.61 12.55
C TYR C 254 -2.28 -17.77 12.31
N LEU C 255 -2.61 -17.50 11.04
CA LEU C 255 -3.74 -16.62 10.75
C LEU C 255 -5.06 -17.20 11.24
N ALA C 256 -5.20 -18.53 11.21
CA ALA C 256 -6.43 -19.21 11.66
C ALA C 256 -6.43 -19.50 13.15
N SER C 257 -5.27 -19.54 13.78
CA SER C 257 -5.15 -19.79 15.21
C SER C 257 -5.74 -18.62 16.01
N GLU C 258 -6.11 -18.90 17.24
CA GLU C 258 -6.53 -17.79 18.11
C GLU C 258 -5.36 -16.88 18.47
N GLU C 259 -4.12 -17.35 18.30
CA GLU C 259 -2.94 -16.50 18.44
C GLU C 259 -3.00 -15.27 17.56
N ALA C 260 -3.84 -15.27 16.54
CA ALA C 260 -4.10 -14.10 15.71
C ALA C 260 -5.54 -13.60 15.92
N SER C 261 -6.01 -13.68 17.18
CA SER C 261 -7.38 -13.33 17.51
C SER C 261 -7.77 -11.91 17.11
N TYR C 262 -6.82 -10.98 16.97
CA TYR C 262 -7.16 -9.62 16.55
C TYR C 262 -6.55 -9.25 15.20
N VAL C 263 -6.13 -10.22 14.40
CA VAL C 263 -5.59 -9.96 13.07
C VAL C 263 -6.70 -10.20 12.05
N SER C 264 -7.14 -9.13 11.40
CA SER C 264 -8.18 -9.20 10.38
C SER C 264 -7.95 -8.03 9.43
N GLY C 265 -8.23 -8.26 8.15
CA GLY C 265 -8.00 -7.28 7.09
C GLY C 265 -6.62 -7.27 6.48
N VAL C 266 -5.76 -8.23 6.85
CA VAL C 266 -4.34 -8.20 6.55
C VAL C 266 -4.05 -9.13 5.37
N ASN C 267 -3.23 -8.68 4.44
CA ASN C 267 -2.70 -9.52 3.37
C ASN C 267 -1.22 -9.77 3.71
N LEU C 268 -0.99 -10.85 4.45
CA LEU C 268 0.33 -11.12 5.00
C LEU C 268 1.20 -11.76 3.93
N LEU C 269 2.24 -11.05 3.48
CA LEU C 269 3.12 -11.59 2.45
C LEU C 269 4.13 -12.56 3.04
N VAL C 270 4.37 -13.64 2.31
CA VAL C 270 5.40 -14.60 2.67
C VAL C 270 6.36 -14.68 1.48
N ASP C 271 7.22 -13.66 1.35
CA ASP C 271 8.10 -13.55 0.20
C ASP C 271 9.55 -13.26 0.56
N GLY C 272 9.90 -13.20 1.84
CA GLY C 272 11.25 -12.81 2.21
C GLY C 272 11.62 -11.44 1.71
N GLY C 273 10.66 -10.54 1.58
CA GLY C 273 10.95 -9.20 1.12
C GLY C 273 11.14 -9.02 -0.37
N TYR C 274 10.69 -9.97 -1.20
CA TYR C 274 10.86 -9.78 -2.65
C TYR C 274 10.09 -8.57 -3.14
N THR C 275 8.90 -8.31 -2.60
CA THR C 275 8.06 -7.26 -3.17
C THR C 275 8.41 -5.86 -2.69
N VAL C 276 9.43 -5.72 -1.83
CA VAL C 276 9.79 -4.41 -1.28
C VAL C 276 11.01 -3.82 -1.96
N VAL C 277 11.61 -4.52 -2.91
CA VAL C 277 12.86 -4.09 -3.51
C VAL C 277 12.77 -4.17 -5.02
N ASN C 278 13.29 -3.14 -5.70
CA ASN C 278 13.65 -3.20 -7.12
C ASN C 278 15.15 -3.01 -7.21
N PRO C 279 15.93 -4.08 -7.33
CA PRO C 279 17.40 -3.97 -7.27
C PRO C 279 18.04 -3.49 -8.57
N THR C 280 17.24 -3.09 -9.56
CA THR C 280 17.80 -2.67 -10.83
C THR C 280 18.81 -1.54 -10.65
N PHE C 281 18.44 -0.52 -9.86
CA PHE C 281 19.32 0.63 -9.73
C PHE C 281 20.67 0.20 -9.18
N ILE C 282 20.66 -0.54 -8.07
CA ILE C 282 21.92 -0.95 -7.47
C ILE C 282 22.70 -1.89 -8.39
N ASN C 283 22.01 -2.72 -9.17
CA ASN C 283 22.71 -3.63 -10.05
C ASN C 283 23.47 -2.89 -11.16
N VAL C 284 22.85 -1.84 -11.72
CA VAL C 284 23.45 -1.12 -12.83
C VAL C 284 24.69 -0.36 -12.41
N ILE C 285 24.80 -0.03 -11.12
CA ILE C 285 25.88 0.81 -10.64
C ILE C 285 26.96 0.00 -9.95
N THR C 286 26.84 -1.33 -9.96
CA THR C 286 27.92 -2.20 -9.51
C THR C 286 28.70 -2.74 -10.70
N ALA C 287 28.76 -1.94 -11.76
CA ALA C 287 29.58 -2.20 -12.95
C ALA C 287 30.98 -1.59 -12.81
N ARG D 29 -3.90 24.29 -25.24
CA ARG D 29 -4.43 23.09 -25.87
C ARG D 29 -3.43 21.93 -25.77
N ARG D 30 -3.55 21.20 -24.64
CA ARG D 30 -2.58 20.21 -24.21
C ARG D 30 -2.63 18.92 -25.01
N LEU D 31 -3.75 18.65 -25.71
CA LEU D 31 -3.91 17.41 -26.44
C LEU D 31 -3.85 17.58 -27.96
N GLU D 32 -3.20 18.65 -28.45
CA GLU D 32 -3.14 18.94 -29.89
C GLU D 32 -2.63 17.76 -30.69
N GLY D 33 -3.41 17.35 -31.70
CA GLY D 33 -3.01 16.29 -32.59
C GLY D 33 -3.13 14.90 -32.02
N LYS D 34 -3.56 14.78 -30.77
CA LYS D 34 -3.67 13.49 -30.10
C LYS D 34 -5.04 12.90 -30.36
N VAL D 35 -5.08 11.58 -30.45
CA VAL D 35 -6.30 10.83 -30.71
C VAL D 35 -6.60 9.97 -29.50
N ALA D 36 -7.77 10.16 -28.90
CA ALA D 36 -8.17 9.45 -27.70
C ALA D 36 -9.47 8.69 -27.94
N ILE D 37 -9.50 7.43 -27.51
CA ILE D 37 -10.73 6.64 -27.42
C ILE D 37 -11.16 6.64 -25.95
N VAL D 38 -12.44 6.89 -25.69
CA VAL D 38 -13.00 6.91 -24.33
C VAL D 38 -14.18 5.94 -24.32
N THR D 39 -13.98 4.73 -23.77
CA THR D 39 -15.08 3.79 -23.61
C THR D 39 -16.00 4.20 -22.45
N GLY D 40 -17.28 3.89 -22.58
CA GLY D 40 -18.26 4.41 -21.64
C GLY D 40 -18.42 5.91 -21.71
N GLY D 41 -18.01 6.53 -22.81
CA GLY D 41 -17.89 7.96 -23.00
C GLY D 41 -19.12 8.74 -23.38
N ALA D 42 -20.30 8.13 -23.38
CA ALA D 42 -21.51 8.87 -23.70
C ALA D 42 -22.07 9.64 -22.50
N SER D 43 -21.68 9.29 -21.27
CA SER D 43 -22.28 9.96 -20.13
C SER D 43 -21.30 10.06 -18.97
N GLY D 44 -21.63 10.97 -18.04
CA GLY D 44 -20.90 11.07 -16.77
C GLY D 44 -19.43 11.36 -16.97
N ILE D 45 -18.60 10.61 -16.24
CA ILE D 45 -17.17 10.83 -16.25
C ILE D 45 -16.62 10.73 -17.66
N GLY D 46 -17.07 9.73 -18.42
CA GLY D 46 -16.60 9.57 -19.79
C GLY D 46 -16.99 10.73 -20.69
N ALA D 47 -18.22 11.25 -20.53
CA ALA D 47 -18.64 12.38 -21.34
C ALA D 47 -17.88 13.65 -20.96
N SER D 48 -17.68 13.89 -19.66
CA SER D 48 -16.91 15.05 -19.24
C SER D 48 -15.48 14.98 -19.76
N THR D 49 -14.89 13.80 -19.79
CA THR D 49 -13.55 13.65 -20.34
C THR D 49 -13.53 13.82 -21.86
N VAL D 50 -14.60 13.40 -22.55
CA VAL D 50 -14.67 13.63 -24.01
C VAL D 50 -14.73 15.12 -24.31
N ARG D 51 -15.56 15.85 -23.57
CA ARG D 51 -15.70 17.29 -23.79
C ARG D 51 -14.40 18.01 -23.52
N LEU D 52 -13.75 17.69 -22.39
CA LEU D 52 -12.49 18.32 -22.02
C LEU D 52 -11.38 17.96 -22.99
N PHE D 53 -11.28 16.69 -23.38
CA PHE D 53 -10.33 16.30 -24.42
C PHE D 53 -10.59 17.06 -25.70
N HIS D 54 -11.88 17.29 -26.01
CA HIS D 54 -12.23 18.07 -27.18
C HIS D 54 -11.76 19.50 -27.03
N ASP D 55 -11.98 20.09 -25.84
CA ASP D 55 -11.54 21.46 -25.60
C ASP D 55 -10.03 21.59 -25.71
N HIS D 56 -9.28 20.51 -25.47
CA HIS D 56 -7.84 20.55 -25.57
C HIS D 56 -7.32 20.03 -26.91
N GLY D 57 -8.19 19.96 -27.93
CA GLY D 57 -7.74 19.76 -29.28
C GLY D 57 -7.51 18.33 -29.71
N ALA D 58 -8.04 17.37 -28.96
CA ALA D 58 -7.90 15.97 -29.32
C ALA D 58 -9.02 15.53 -30.26
N LYS D 59 -8.68 14.61 -31.15
CA LYS D 59 -9.69 13.86 -31.89
C LYS D 59 -10.16 12.75 -30.95
N VAL D 60 -11.46 12.68 -30.68
CA VAL D 60 -11.99 11.75 -29.69
C VAL D 60 -13.02 10.84 -30.35
N VAL D 61 -12.85 9.53 -30.16
CA VAL D 61 -13.85 8.54 -30.53
C VAL D 61 -14.60 8.17 -29.26
N ILE D 62 -15.85 8.61 -29.17
CA ILE D 62 -16.72 8.23 -28.07
C ILE D 62 -17.16 6.79 -28.29
N ALA D 63 -16.91 5.93 -27.31
CA ALA D 63 -17.33 4.54 -27.39
C ALA D 63 -18.29 4.26 -26.24
N ASP D 64 -19.49 3.78 -26.57
CA ASP D 64 -20.49 3.50 -25.54
C ASP D 64 -21.58 2.65 -26.18
N ILE D 65 -22.60 2.35 -25.39
CA ILE D 65 -23.77 1.62 -25.85
C ILE D 65 -25.04 2.44 -25.67
N GLN D 66 -24.93 3.67 -25.16
CA GLN D 66 -26.05 4.60 -25.12
C GLN D 66 -25.96 5.44 -26.38
N ASP D 67 -26.60 4.95 -27.45
CA ASP D 67 -26.38 5.51 -28.78
C ASP D 67 -27.06 6.87 -28.94
N ASP D 68 -28.19 7.08 -28.26
CA ASP D 68 -28.86 8.37 -28.30
C ASP D 68 -27.96 9.45 -27.72
N LEU D 69 -27.49 9.23 -26.48
CA LEU D 69 -26.56 10.17 -25.87
C LEU D 69 -25.24 10.22 -26.62
N GLY D 70 -24.72 9.05 -27.03
CA GLY D 70 -23.38 9.00 -27.58
C GLY D 70 -23.26 9.76 -28.90
N GLN D 71 -24.21 9.53 -29.81
CA GLN D 71 -24.12 10.19 -31.10
C GLN D 71 -24.38 11.69 -30.96
N THR D 72 -25.31 12.07 -30.07
CA THR D 72 -25.62 13.49 -29.87
C THR D 72 -24.41 14.28 -29.41
N LEU D 73 -23.61 13.70 -28.51
CA LEU D 73 -22.43 14.41 -28.02
C LEU D 73 -21.39 14.57 -29.12
N ALA D 74 -21.12 13.51 -29.89
CA ALA D 74 -20.09 13.56 -30.93
C ALA D 74 -20.47 14.51 -32.07
N ASP D 75 -21.76 14.67 -32.34
CA ASP D 75 -22.17 15.62 -33.37
C ASP D 75 -22.17 17.04 -32.81
N ARG D 76 -22.71 17.23 -31.60
CA ARG D 76 -22.79 18.56 -31.01
C ARG D 76 -21.40 19.16 -30.77
N LEU D 77 -20.40 18.33 -30.47
CA LEU D 77 -19.06 18.85 -30.20
C LEU D 77 -18.33 19.24 -31.48
N GLY D 78 -18.56 18.52 -32.57
CA GLY D 78 -18.02 19.00 -33.81
C GLY D 78 -17.24 17.98 -34.60
N ARG D 79 -16.31 18.49 -35.40
CA ARG D 79 -15.73 17.72 -36.51
C ARG D 79 -14.77 16.65 -36.02
N ASN D 80 -14.05 16.91 -34.93
CA ASN D 80 -13.03 15.98 -34.44
C ASN D 80 -13.59 14.94 -33.47
N ILE D 81 -14.89 14.91 -33.25
CA ILE D 81 -15.51 13.95 -32.36
C ILE D 81 -16.45 13.07 -33.19
N SER D 82 -16.14 11.77 -33.26
CA SER D 82 -17.00 10.77 -33.87
C SER D 82 -17.57 9.86 -32.78
N TYR D 83 -18.49 8.98 -33.18
CA TYR D 83 -19.05 7.99 -32.27
C TYR D 83 -18.87 6.61 -32.89
N THR D 84 -18.71 5.61 -32.01
CA THR D 84 -18.60 4.21 -32.37
C THR D 84 -19.28 3.42 -31.27
N HIS D 85 -20.38 2.76 -31.59
CA HIS D 85 -21.04 1.89 -30.62
C HIS D 85 -20.11 0.74 -30.28
N CYS D 86 -19.96 0.45 -28.99
CA CYS D 86 -19.06 -0.62 -28.56
C CYS D 86 -19.45 -1.13 -27.19
N ASP D 87 -19.97 -2.35 -27.13
CA ASP D 87 -20.06 -3.10 -25.89
C ASP D 87 -18.68 -3.64 -25.52
N VAL D 88 -18.13 -3.19 -24.38
CA VAL D 88 -16.78 -3.59 -24.00
C VAL D 88 -16.69 -5.09 -23.71
N THR D 89 -17.83 -5.76 -23.46
CA THR D 89 -17.88 -7.20 -23.31
C THR D 89 -17.65 -7.95 -24.62
N ASP D 90 -17.74 -7.27 -25.78
CA ASP D 90 -17.63 -7.95 -27.08
C ASP D 90 -16.28 -7.62 -27.72
N GLU D 91 -15.36 -8.60 -27.69
CA GLU D 91 -14.03 -8.34 -28.22
C GLU D 91 -14.06 -7.93 -29.68
N ASP D 92 -15.03 -8.40 -30.47
CA ASP D 92 -15.07 -7.98 -31.88
C ASP D 92 -15.45 -6.51 -32.02
N GLN D 93 -16.41 -6.04 -31.22
CA GLN D 93 -16.77 -4.62 -31.26
C GLN D 93 -15.58 -3.74 -30.84
N VAL D 94 -14.85 -4.14 -29.80
CA VAL D 94 -13.72 -3.35 -29.33
C VAL D 94 -12.59 -3.38 -30.35
N ARG D 95 -12.28 -4.56 -30.91
CA ARG D 95 -11.29 -4.66 -31.98
C ARG D 95 -11.66 -3.75 -33.15
N ALA D 96 -12.95 -3.60 -33.43
CA ALA D 96 -13.36 -2.69 -34.51
C ALA D 96 -13.22 -1.24 -34.08
N LEU D 97 -13.54 -0.95 -32.81
CA LEU D 97 -13.42 0.42 -32.31
C LEU D 97 -12.01 0.95 -32.50
N VAL D 98 -11.00 0.16 -32.11
CA VAL D 98 -9.61 0.58 -32.27
C VAL D 98 -9.24 0.62 -33.76
N ASP D 99 -9.70 -0.37 -34.53
CA ASP D 99 -9.35 -0.41 -35.94
C ASP D 99 -9.96 0.75 -36.70
N ALA D 100 -11.17 1.17 -36.33
CA ALA D 100 -11.77 2.35 -36.95
C ALA D 100 -11.06 3.64 -36.55
N ALA D 101 -10.57 3.71 -35.31
CA ALA D 101 -9.83 4.92 -34.90
C ALA D 101 -8.52 5.00 -35.65
N VAL D 102 -7.85 3.86 -35.86
CA VAL D 102 -6.64 3.83 -36.66
C VAL D 102 -6.95 4.21 -38.11
N ALA D 103 -8.07 3.70 -38.64
CA ALA D 103 -8.42 4.01 -40.02
C ALA D 103 -8.68 5.50 -40.21
N LYS D 104 -9.45 6.10 -39.30
CA LYS D 104 -9.80 7.51 -39.46
C LYS D 104 -8.64 8.44 -39.11
N HIS D 105 -7.79 8.06 -38.14
CA HIS D 105 -6.89 9.04 -37.53
C HIS D 105 -5.41 8.67 -37.54
N GLY D 106 -5.02 7.49 -37.99
CA GLY D 106 -3.63 7.11 -38.11
C GLY D 106 -3.10 6.26 -36.98
N GLY D 107 -3.71 6.35 -35.80
CA GLY D 107 -3.24 5.63 -34.64
C GLY D 107 -4.05 6.04 -33.43
N VAL D 108 -3.68 5.45 -32.29
CA VAL D 108 -4.31 5.74 -31.01
C VAL D 108 -3.23 6.26 -30.06
N ASP D 109 -3.47 7.46 -29.52
CA ASP D 109 -2.55 7.99 -28.51
C ASP D 109 -3.02 7.67 -27.10
N ILE D 110 -4.31 7.84 -26.83
CA ILE D 110 -4.86 7.71 -25.49
C ILE D 110 -6.04 6.74 -25.55
N MET D 111 -6.05 5.76 -24.66
CA MET D 111 -7.20 4.88 -24.45
C MET D 111 -7.68 5.05 -23.02
N PHE D 112 -8.82 5.71 -22.84
CA PHE D 112 -9.43 5.90 -21.52
C PHE D 112 -10.50 4.82 -21.34
N SER D 113 -10.11 3.71 -20.68
CA SER D 113 -11.03 2.62 -20.38
C SER D 113 -11.89 3.00 -19.19
N ASN D 114 -13.05 3.60 -19.47
CA ASN D 114 -13.91 4.14 -18.42
C ASN D 114 -15.20 3.36 -18.21
N ALA D 115 -15.60 2.53 -19.17
CA ALA D 115 -16.86 1.81 -19.09
C ALA D 115 -16.95 0.92 -17.85
N GLY D 116 -18.02 1.10 -17.07
CA GLY D 116 -18.27 0.22 -15.94
C GLY D 116 -19.67 0.40 -15.38
N ILE D 117 -20.02 -0.51 -14.46
CA ILE D 117 -21.25 -0.44 -13.68
C ILE D 117 -20.86 -0.45 -12.21
N VAL D 118 -21.69 0.18 -11.37
CA VAL D 118 -21.33 0.54 -10.00
C VAL D 118 -22.22 -0.17 -8.98
N GLU D 119 -21.62 -0.59 -7.87
CA GLU D 119 -22.32 -1.07 -6.68
C GLU D 119 -21.85 -0.29 -5.46
N GLY D 120 -22.79 0.14 -4.61
CA GLY D 120 -22.46 0.72 -3.33
C GLY D 120 -22.24 -0.35 -2.28
N PRO D 121 -21.92 0.08 -1.06
CA PRO D 121 -21.69 -0.88 0.02
C PRO D 121 -22.87 -1.85 0.17
N ASN D 122 -22.55 -3.13 0.29
CA ASN D 122 -23.58 -4.18 0.42
C ASN D 122 -23.02 -5.32 1.29
N SER D 123 -23.77 -6.43 1.33
CA SER D 123 -23.35 -7.62 2.08
C SER D 123 -23.05 -8.76 1.11
N ILE D 124 -22.12 -9.63 1.53
CA ILE D 124 -21.73 -10.72 0.65
C ILE D 124 -22.89 -11.69 0.43
N PHE D 125 -23.92 -11.64 1.26
CA PHE D 125 -25.10 -12.45 1.02
C PHE D 125 -25.96 -11.89 -0.09
N ASP D 126 -25.72 -10.65 -0.48
CA ASP D 126 -26.41 -10.02 -1.59
C ASP D 126 -25.76 -10.34 -2.94
N VAL D 127 -24.66 -11.08 -2.96
CA VAL D 127 -23.93 -11.34 -4.19
C VAL D 127 -24.56 -12.52 -4.92
N ASP D 128 -24.99 -12.28 -6.17
CA ASP D 128 -25.53 -13.32 -7.05
C ASP D 128 -24.49 -13.69 -8.09
N LYS D 129 -24.19 -14.98 -8.22
CA LYS D 129 -23.11 -15.43 -9.11
C LYS D 129 -23.28 -14.91 -10.52
N ASP D 130 -24.52 -14.73 -10.98
CA ASP D 130 -24.73 -14.20 -12.32
C ASP D 130 -24.52 -12.70 -12.37
N GLU D 131 -24.99 -11.98 -11.34
CA GLU D 131 -24.74 -10.54 -11.29
C GLU D 131 -23.26 -10.26 -11.08
N LEU D 132 -22.58 -11.10 -10.31
CA LEU D 132 -21.15 -10.95 -10.11
C LEU D 132 -20.40 -11.09 -11.42
N GLU D 133 -20.74 -12.11 -12.21
CA GLU D 133 -20.09 -12.33 -13.49
C GLU D 133 -20.44 -11.27 -14.52
N ARG D 134 -21.63 -10.69 -14.43
CA ARG D 134 -21.98 -9.58 -15.32
C ARG D 134 -21.14 -8.35 -14.99
N LEU D 135 -21.12 -7.94 -13.72
CA LEU D 135 -20.28 -6.81 -13.31
C LEU D 135 -18.83 -7.06 -13.69
N MET D 136 -18.33 -8.27 -13.46
CA MET D 136 -16.93 -8.56 -13.79
C MET D 136 -16.68 -8.42 -15.28
N GLY D 137 -17.65 -8.80 -16.11
CA GLY D 137 -17.44 -8.69 -17.54
C GLY D 137 -17.30 -7.24 -17.99
N ILE D 138 -18.19 -6.37 -17.51
CA ILE D 138 -18.13 -4.97 -17.92
C ILE D 138 -16.91 -4.28 -17.31
N ASN D 139 -16.69 -4.47 -16.00
CA ASN D 139 -15.72 -3.67 -15.26
C ASN D 139 -14.30 -4.15 -15.49
N LEU D 140 -14.09 -5.46 -15.43
CA LEU D 140 -12.75 -6.01 -15.49
C LEU D 140 -12.43 -6.62 -16.85
N VAL D 141 -13.31 -7.50 -17.36
CA VAL D 141 -13.06 -8.13 -18.65
C VAL D 141 -13.02 -7.08 -19.76
N GLY D 142 -13.93 -6.11 -19.70
CA GLY D 142 -13.88 -5.00 -20.63
C GLY D 142 -12.58 -4.22 -20.57
N ALA D 143 -12.06 -3.97 -19.35
CA ALA D 143 -10.81 -3.23 -19.21
C ALA D 143 -9.65 -3.97 -19.86
N PHE D 144 -9.61 -5.30 -19.67
CA PHE D 144 -8.60 -6.14 -20.34
C PHE D 144 -8.65 -5.96 -21.85
N LEU D 145 -9.84 -6.10 -22.44
CA LEU D 145 -9.95 -6.03 -23.89
C LEU D 145 -9.53 -4.66 -24.41
N ALA D 146 -10.06 -3.58 -23.81
CA ALA D 146 -9.69 -2.25 -24.25
C ALA D 146 -8.19 -2.05 -24.15
N ALA D 147 -7.53 -2.73 -23.22
CA ALA D 147 -6.09 -2.61 -23.10
C ALA D 147 -5.38 -3.42 -24.18
N LYS D 148 -5.83 -4.66 -24.40
CA LYS D 148 -5.23 -5.52 -25.41
C LYS D 148 -5.21 -4.87 -26.78
N HIS D 149 -6.33 -4.27 -27.18
CA HIS D 149 -6.38 -3.69 -28.52
C HIS D 149 -5.84 -2.27 -28.58
N ALA D 150 -5.90 -1.51 -27.48
CA ALA D 150 -5.15 -0.27 -27.42
C ALA D 150 -3.65 -0.54 -27.48
N ALA D 151 -3.18 -1.57 -26.77
CA ALA D 151 -1.76 -1.92 -26.84
C ALA D 151 -1.40 -2.37 -28.24
N ARG D 152 -2.32 -3.05 -28.91
CA ARG D 152 -2.07 -3.59 -30.25
C ARG D 152 -1.55 -2.52 -31.19
N VAL D 153 -2.19 -1.35 -31.21
CA VAL D 153 -1.77 -0.29 -32.11
C VAL D 153 -0.76 0.66 -31.49
N MET D 154 -0.68 0.72 -30.16
CA MET D 154 0.27 1.63 -29.53
C MET D 154 1.69 1.11 -29.62
N VAL D 155 1.88 -0.19 -29.41
CA VAL D 155 3.24 -0.76 -29.38
C VAL D 155 4.01 -0.50 -30.66
N PRO D 156 3.47 -0.76 -31.87
CA PRO D 156 4.28 -0.48 -33.09
C PRO D 156 4.66 0.98 -33.25
N ALA D 157 3.81 1.90 -32.78
CA ALA D 157 4.09 3.33 -32.77
C ALA D 157 5.07 3.73 -31.68
N LYS D 158 5.37 2.84 -30.72
CA LYS D 158 6.31 3.12 -29.64
C LYS D 158 5.94 4.39 -28.86
N LYS D 159 4.64 4.58 -28.64
CA LYS D 159 4.10 5.59 -27.74
C LYS D 159 2.65 5.26 -27.46
N GLY D 160 2.12 5.82 -26.38
CA GLY D 160 0.72 5.64 -26.05
C GLY D 160 0.48 5.68 -24.54
N CYS D 161 -0.74 6.03 -24.18
CA CYS D 161 -1.11 6.15 -22.79
C CYS D 161 -2.48 5.50 -22.62
N ILE D 162 -2.58 4.58 -21.65
CA ILE D 162 -3.80 3.84 -21.34
C ILE D 162 -4.19 4.16 -19.89
N ILE D 163 -5.39 4.69 -19.71
CA ILE D 163 -5.88 5.15 -18.43
C ILE D 163 -7.18 4.44 -18.16
N PHE D 164 -7.27 3.75 -17.02
CA PHE D 164 -8.45 3.04 -16.53
C PHE D 164 -9.17 3.87 -15.48
N THR D 165 -10.47 3.65 -15.37
CA THR D 165 -11.26 4.21 -14.27
C THR D 165 -11.36 3.14 -13.17
N ALA D 166 -10.62 3.32 -12.08
CA ALA D 166 -10.81 2.46 -10.92
C ALA D 166 -11.82 3.10 -9.98
N SER D 167 -11.46 3.23 -8.71
CA SER D 167 -12.39 3.73 -7.70
C SER D 167 -11.62 3.95 -6.40
N ALA D 168 -12.08 4.92 -5.62
CA ALA D 168 -11.47 5.15 -4.30
C ALA D 168 -11.62 3.92 -3.41
N CYS D 169 -12.60 3.06 -3.69
CA CYS D 169 -12.76 1.83 -2.93
C CYS D 169 -11.53 0.91 -3.02
N THR D 170 -10.60 1.20 -3.92
CA THR D 170 -9.35 0.45 -4.00
C THR D 170 -8.39 0.75 -2.85
N GLU D 171 -8.67 1.76 -2.01
CA GLU D 171 -7.81 2.05 -0.88
C GLU D 171 -8.52 2.08 0.47
N ILE D 172 -9.84 1.91 0.49
CA ILE D 172 -10.60 1.82 1.73
C ILE D 172 -11.83 0.96 1.46
N ALA D 173 -12.33 0.33 2.51
CA ALA D 173 -13.58 -0.39 2.46
C ALA D 173 -14.73 0.53 2.88
N GLY D 174 -15.94 0.09 2.59
CA GLY D 174 -17.12 0.80 3.03
C GLY D 174 -17.67 1.85 2.08
N ILE D 175 -17.18 1.93 0.86
CA ILE D 175 -17.71 2.95 -0.05
C ILE D 175 -18.03 2.31 -1.41
N ALA D 176 -18.09 0.98 -1.45
CA ALA D 176 -18.52 0.24 -2.63
C ALA D 176 -18.81 -1.19 -2.21
N GLY D 177 -19.57 -1.89 -3.07
CA GLY D 177 -19.94 -3.27 -2.82
C GLY D 177 -18.85 -4.25 -3.12
N HIS D 178 -19.05 -5.48 -2.67
CA HIS D 178 -18.01 -6.50 -2.76
C HIS D 178 -17.61 -6.76 -4.21
N SER D 179 -18.59 -7.01 -5.08
CA SER D 179 -18.27 -7.27 -6.48
C SER D 179 -17.58 -6.07 -7.11
N TYR D 180 -18.13 -4.86 -6.90
CA TYR D 180 -17.52 -3.67 -7.47
C TYR D 180 -16.11 -3.46 -6.92
N THR D 181 -15.95 -3.61 -5.60
CA THR D 181 -14.64 -3.41 -4.97
C THR D 181 -13.60 -4.35 -5.59
N ALA D 182 -13.96 -5.62 -5.78
CA ALA D 182 -13.00 -6.59 -6.32
C ALA D 182 -12.68 -6.32 -7.79
N SER D 183 -13.67 -5.90 -8.59
CA SER D 183 -13.39 -5.61 -9.99
C SER D 183 -12.43 -4.43 -10.14
N LYS D 184 -12.58 -3.39 -9.30
CA LYS D 184 -11.73 -2.21 -9.42
C LYS D 184 -10.32 -2.49 -8.92
N TYR D 185 -10.21 -3.28 -7.83
CA TYR D 185 -8.90 -3.82 -7.43
C TYR D 185 -8.22 -4.56 -8.57
N GLY D 186 -9.00 -5.33 -9.34
CA GLY D 186 -8.41 -6.07 -10.45
C GLY D 186 -7.91 -5.14 -11.55
N ILE D 187 -8.64 -4.05 -11.80
CA ILE D 187 -8.15 -3.04 -12.74
C ILE D 187 -6.81 -2.49 -12.26
N VAL D 188 -6.65 -2.25 -10.95
CA VAL D 188 -5.39 -1.72 -10.44
C VAL D 188 -4.24 -2.69 -10.72
N GLY D 189 -4.47 -3.98 -10.45
CA GLY D 189 -3.46 -4.98 -10.78
C GLY D 189 -3.16 -5.06 -12.27
N LEU D 190 -4.20 -5.03 -13.10
CA LEU D 190 -4.01 -5.03 -14.55
C LEU D 190 -3.17 -3.84 -14.99
N MET D 191 -3.48 -2.66 -14.44
CA MET D 191 -2.76 -1.44 -14.80
C MET D 191 -1.26 -1.56 -14.47
N LYS D 192 -0.92 -2.15 -13.34
CA LYS D 192 0.49 -2.20 -12.95
C LYS D 192 1.30 -3.14 -13.85
N SER D 193 0.72 -4.29 -14.23
CA SER D 193 1.45 -5.22 -15.10
C SER D 193 1.57 -4.67 -16.51
N LEU D 194 0.57 -3.90 -16.95
CA LEU D 194 0.69 -3.21 -18.23
C LEU D 194 1.75 -2.12 -18.14
N ALA D 195 1.85 -1.46 -16.97
CA ALA D 195 2.87 -0.43 -16.79
C ALA D 195 4.27 -1.02 -16.92
N VAL D 196 4.46 -2.24 -16.41
CA VAL D 196 5.75 -2.92 -16.55
C VAL D 196 5.95 -3.40 -17.98
N GLU D 197 4.93 -4.04 -18.57
CA GLU D 197 5.09 -4.60 -19.91
C GLU D 197 5.21 -3.51 -20.95
N LEU D 198 4.24 -2.58 -20.96
CA LEU D 198 4.20 -1.53 -21.97
C LEU D 198 5.21 -0.42 -21.70
N GLY D 199 5.84 -0.40 -20.53
CA GLY D 199 6.85 0.60 -20.27
C GLY D 199 8.05 0.43 -21.18
N SER D 200 8.38 -0.82 -21.53
CA SER D 200 9.51 -1.07 -22.41
C SER D 200 9.29 -0.53 -23.81
N HIS D 201 8.06 -0.19 -24.19
CA HIS D 201 7.76 0.36 -25.52
C HIS D 201 7.42 1.85 -25.47
N GLY D 202 7.73 2.52 -24.36
CA GLY D 202 7.42 3.92 -24.19
C GLY D 202 5.97 4.24 -23.92
N ILE D 203 5.22 3.28 -23.38
CA ILE D 203 3.78 3.41 -23.19
C ILE D 203 3.47 3.44 -21.70
N ARG D 204 2.66 4.42 -21.29
CA ARG D 204 2.31 4.59 -19.88
C ARG D 204 0.92 4.06 -19.64
N ALA D 205 0.70 3.48 -18.46
CA ALA D 205 -0.62 3.00 -18.05
C ALA D 205 -0.87 3.42 -16.61
N ASN D 206 -2.04 4.02 -16.35
CA ASN D 206 -2.38 4.58 -15.05
C ASN D 206 -3.88 4.39 -14.79
N CYS D 207 -4.27 4.50 -13.51
CA CYS D 207 -5.66 4.51 -13.10
C CYS D 207 -6.03 5.87 -12.52
N VAL D 208 -7.32 6.20 -12.56
CA VAL D 208 -7.88 7.28 -11.75
C VAL D 208 -8.97 6.69 -10.86
N SER D 209 -8.87 6.95 -9.56
CA SER D 209 -9.77 6.37 -8.57
C SER D 209 -10.60 7.44 -7.87
N PRO D 210 -11.71 7.86 -8.46
CA PRO D 210 -12.56 8.89 -7.83
C PRO D 210 -13.30 8.32 -6.63
N PHE D 211 -13.96 9.24 -5.91
CA PHE D 211 -14.76 8.89 -4.74
C PHE D 211 -16.17 8.85 -5.33
N GLY D 212 -16.43 7.75 -6.06
CA GLY D 212 -17.59 7.66 -6.94
C GLY D 212 -18.91 8.00 -6.29
N VAL D 213 -19.11 7.54 -5.07
CA VAL D 213 -20.38 7.81 -4.40
C VAL D 213 -20.60 9.31 -4.23
N LEU D 214 -19.53 10.09 -4.11
CA LEU D 214 -19.63 11.52 -3.89
C LEU D 214 -19.51 12.36 -5.17
N THR D 215 -19.19 11.76 -6.32
CA THR D 215 -19.05 12.56 -7.53
C THR D 215 -20.41 13.01 -8.05
N GLY D 216 -20.56 14.32 -8.23
CA GLY D 216 -21.76 14.92 -8.81
C GLY D 216 -23.06 14.44 -8.21
N ILE D 217 -23.30 14.79 -6.95
CA ILE D 217 -24.43 14.25 -6.20
C ILE D 217 -25.67 15.15 -6.25
N LYS D 225 -32.41 17.08 -2.88
CA LYS D 225 -31.12 17.74 -3.09
C LYS D 225 -30.41 18.13 -1.80
N LEU D 226 -31.07 18.92 -0.93
CA LEU D 226 -30.45 19.31 0.34
C LEU D 226 -30.12 18.10 1.21
N MET D 227 -30.83 16.98 1.00
CA MET D 227 -30.38 15.67 1.47
C MET D 227 -28.93 15.40 1.07
N PHE D 228 -28.66 15.43 -0.25
CA PHE D 228 -27.32 15.10 -0.74
C PHE D 228 -26.28 16.11 -0.30
N GLU D 229 -26.67 17.38 -0.16
CA GLU D 229 -25.76 18.42 0.31
C GLU D 229 -25.37 18.21 1.77
N GLY D 230 -26.32 17.73 2.59
CA GLY D 230 -26.01 17.39 3.96
C GLY D 230 -25.07 16.20 4.06
N ILE D 231 -25.27 15.20 3.20
CA ILE D 231 -24.43 14.00 3.17
C ILE D 231 -23.02 14.35 2.74
N MET D 232 -22.86 15.33 1.83
CA MET D 232 -21.54 15.78 1.39
C MET D 232 -20.70 16.32 2.53
N SER D 233 -21.30 17.14 3.38
CA SER D 233 -20.56 17.73 4.50
C SER D 233 -20.16 16.68 5.51
N LYS D 234 -21.02 15.68 5.72
CA LYS D 234 -20.74 14.68 6.73
C LYS D 234 -19.68 13.68 6.26
N VAL D 235 -19.74 13.27 5.00
CA VAL D 235 -18.91 12.13 4.61
C VAL D 235 -17.60 12.58 3.95
N GLY D 236 -17.59 13.78 3.35
CA GLY D 236 -16.37 14.25 2.71
C GLY D 236 -15.35 14.70 3.74
N ASN D 237 -14.09 14.33 3.51
CA ASN D 237 -13.01 14.70 4.43
C ASN D 237 -12.53 16.13 4.21
N LEU D 238 -12.26 16.49 2.96
CA LEU D 238 -11.85 17.84 2.61
C LEU D 238 -13.11 18.70 2.53
N LYS D 239 -13.38 19.46 3.58
CA LYS D 239 -14.62 20.21 3.69
C LYS D 239 -14.51 21.48 2.85
N GLY D 240 -15.67 22.02 2.45
CA GLY D 240 -15.71 23.24 1.66
C GLY D 240 -15.69 23.04 0.16
N LYS D 241 -15.40 21.82 -0.31
CA LYS D 241 -15.28 21.54 -1.73
C LYS D 241 -16.13 20.34 -2.09
N ILE D 242 -16.46 20.20 -3.38
CA ILE D 242 -17.29 19.12 -3.86
C ILE D 242 -16.71 18.57 -5.16
N LEU D 243 -16.80 17.26 -5.31
CA LEU D 243 -16.27 16.52 -6.45
C LEU D 243 -17.33 16.35 -7.53
N THR D 244 -16.98 16.67 -8.78
CA THR D 244 -17.87 16.52 -9.91
C THR D 244 -17.17 15.73 -11.01
N ALA D 245 -17.94 15.39 -12.04
CA ALA D 245 -17.37 14.67 -13.18
C ALA D 245 -16.28 15.49 -13.86
N GLU D 246 -16.48 16.80 -13.94
CA GLU D 246 -15.46 17.65 -14.55
C GLU D 246 -14.13 17.56 -13.82
N ASP D 247 -14.17 17.49 -12.48
CA ASP D 247 -12.95 17.38 -11.68
C ASP D 247 -12.17 16.10 -12.01
N VAL D 248 -12.88 14.98 -12.12
CA VAL D 248 -12.22 13.73 -12.44
C VAL D 248 -11.67 13.78 -13.87
N ALA D 249 -12.34 14.51 -14.75
CA ALA D 249 -11.88 14.61 -16.13
C ALA D 249 -10.50 15.27 -16.21
N VAL D 250 -10.26 16.31 -15.39
CA VAL D 250 -9.01 17.05 -15.47
C VAL D 250 -7.85 16.24 -14.90
N THR D 251 -8.13 15.34 -13.94
CA THR D 251 -7.08 14.45 -13.48
C THR D 251 -6.72 13.43 -14.56
N VAL D 252 -7.72 12.97 -15.33
CA VAL D 252 -7.44 12.13 -16.50
C VAL D 252 -6.68 12.93 -17.55
N LEU D 253 -7.05 14.21 -17.74
CA LEU D 253 -6.28 15.05 -18.66
C LEU D 253 -4.84 15.15 -18.24
N TYR D 254 -4.61 15.41 -16.95
CA TYR D 254 -3.24 15.44 -16.42
C TYR D 254 -2.52 14.12 -16.73
N LEU D 255 -3.16 12.99 -16.37
CA LEU D 255 -2.57 11.66 -16.54
C LEU D 255 -2.30 11.32 -18.00
N ALA D 256 -3.14 11.83 -18.92
CA ALA D 256 -2.98 11.57 -20.35
C ALA D 256 -2.09 12.55 -21.09
N SER D 257 -1.93 13.77 -20.57
CA SER D 257 -1.14 14.78 -21.26
C SER D 257 0.36 14.46 -21.15
N GLU D 258 1.17 15.27 -21.81
CA GLU D 258 2.61 15.14 -21.69
C GLU D 258 3.12 15.64 -20.35
N GLU D 259 2.30 16.37 -19.59
CA GLU D 259 2.62 16.75 -18.22
C GLU D 259 2.96 15.57 -17.32
N ALA D 260 2.51 14.38 -17.69
CA ALA D 260 2.80 13.17 -16.93
C ALA D 260 3.69 12.22 -17.72
N SER D 261 4.65 12.78 -18.47
CA SER D 261 5.49 11.96 -19.34
C SER D 261 6.20 10.83 -18.62
N TYR D 262 6.44 10.95 -17.30
CA TYR D 262 7.13 9.91 -16.55
C TYR D 262 6.25 9.35 -15.44
N VAL D 263 4.94 9.55 -15.55
CA VAL D 263 3.96 9.03 -14.60
C VAL D 263 3.36 7.78 -15.23
N SER D 264 3.64 6.63 -14.63
CA SER D 264 3.13 5.34 -15.06
C SER D 264 3.15 4.41 -13.85
N GLY D 265 2.17 3.51 -13.77
CA GLY D 265 2.03 2.60 -12.64
C GLY D 265 1.19 3.13 -11.48
N VAL D 266 0.55 4.28 -11.65
CA VAL D 266 0.00 5.05 -10.55
C VAL D 266 -1.50 4.85 -10.46
N ASN D 267 -2.00 4.66 -9.24
CA ASN D 267 -3.43 4.66 -8.96
C ASN D 267 -3.73 5.97 -8.24
N LEU D 268 -4.03 7.01 -9.01
CA LEU D 268 -4.18 8.37 -8.48
C LEU D 268 -5.61 8.59 -7.95
N LEU D 269 -5.75 8.72 -6.63
CA LEU D 269 -7.06 8.93 -6.03
C LEU D 269 -7.48 10.40 -6.12
N VAL D 270 -8.75 10.60 -6.43
CA VAL D 270 -9.38 11.91 -6.42
C VAL D 270 -10.49 11.82 -5.39
N ASP D 271 -10.13 11.82 -4.10
CA ASP D 271 -11.08 11.53 -3.02
C ASP D 271 -11.08 12.54 -1.89
N GLY D 272 -10.32 13.62 -2.00
CA GLY D 272 -10.20 14.56 -0.90
C GLY D 272 -9.69 13.95 0.39
N GLY D 273 -8.90 12.88 0.30
CA GLY D 273 -8.34 12.27 1.48
C GLY D 273 -9.24 11.38 2.30
N TYR D 274 -10.37 10.94 1.74
CA TYR D 274 -11.29 10.11 2.52
C TYR D 274 -10.65 8.79 2.94
N THR D 275 -9.85 8.18 2.06
CA THR D 275 -9.39 6.82 2.31
C THR D 275 -8.23 6.73 3.30
N VAL D 276 -7.79 7.83 3.88
CA VAL D 276 -6.60 7.81 4.72
C VAL D 276 -6.93 7.86 6.20
N VAL D 277 -8.21 7.96 6.58
CA VAL D 277 -8.60 8.18 7.96
C VAL D 277 -9.70 7.20 8.34
N ASN D 278 -9.63 6.68 9.56
CA ASN D 278 -10.78 6.04 10.21
C ASN D 278 -11.14 6.88 11.43
N PRO D 279 -12.14 7.76 11.31
CA PRO D 279 -12.41 8.74 12.37
C PRO D 279 -13.15 8.19 13.57
N THR D 280 -13.39 6.88 13.64
CA THR D 280 -14.17 6.32 14.74
C THR D 280 -13.56 6.68 16.09
N PHE D 281 -12.25 6.44 16.24
CA PHE D 281 -11.61 6.58 17.54
C PHE D 281 -11.81 7.97 18.12
N ILE D 282 -11.42 9.01 17.37
CA ILE D 282 -11.56 10.37 17.89
C ILE D 282 -13.03 10.72 18.08
N ASN D 283 -13.94 10.13 17.29
CA ASN D 283 -15.36 10.44 17.44
C ASN D 283 -15.92 9.97 18.78
N VAL D 284 -15.56 8.75 19.22
CA VAL D 284 -16.12 8.26 20.48
C VAL D 284 -15.54 9.02 21.65
N ILE D 285 -14.37 9.64 21.50
CA ILE D 285 -13.70 10.28 22.64
C ILE D 285 -13.86 11.79 22.61
N THR D 286 -14.55 12.34 21.60
CA THR D 286 -14.90 13.75 21.60
C THR D 286 -16.37 13.95 21.94
N ALA D 287 -17.01 12.94 22.52
CA ALA D 287 -18.43 12.99 22.83
C ALA D 287 -18.72 12.40 24.20
CL CL E . 5.56 -1.97 -3.39
PA NAD F . -1.84 -26.76 -6.70
O1A NAD F . -2.23 -26.92 -8.15
O2A NAD F . -0.99 -27.90 -6.23
O5B NAD F . -3.20 -26.66 -5.73
C5B NAD F . -4.32 -25.95 -6.24
C4B NAD F . -5.57 -26.84 -5.97
O4B NAD F . -6.92 -26.10 -6.47
C3B NAD F . -5.42 -27.95 -6.65
O3B NAD F . -5.61 -29.17 -5.77
C2B NAD F . -6.52 -27.91 -7.74
O2B NAD F . -6.98 -29.17 -7.97
C1B NAD F . -7.60 -27.03 -7.11
N9A NAD F . -8.45 -26.45 -8.15
C8A NAD F . -8.35 -25.95 -9.37
N7A NAD F . -9.59 -25.58 -9.75
C5A NAD F . -10.46 -25.86 -8.73
C6A NAD F . -11.84 -25.68 -8.59
N6A NAD F . -12.90 -25.13 -9.51
N1A NAD F . -12.45 -26.06 -7.46
C2A NAD F . -11.70 -26.62 -6.42
N3A NAD F . -10.36 -26.79 -6.55
C4A NAD F . -9.74 -26.40 -7.73
O3 NAD F . -1.00 -25.33 -6.56
PN NAD F . -1.15 -24.17 -5.31
O1N NAD F . 0.09 -23.27 -5.39
O2N NAD F . -1.21 -24.84 -3.95
O5D NAD F . -2.51 -23.30 -5.57
C5D NAD F . -3.14 -22.70 -4.45
C4D NAD F . -3.11 -21.18 -4.60
O4D NAD F . -1.64 -20.59 -4.23
C3D NAD F . -3.39 -20.83 -5.85
O3D NAD F . -4.72 -20.06 -5.89
C2D NAD F . -2.27 -19.92 -6.31
O2D NAD F . -2.79 -18.80 -6.93
C1D NAD F . -1.50 -19.55 -4.97
N1N NAD F . -0.05 -19.17 -5.18
C2N NAD F . 0.89 -20.13 -5.50
C3N NAD F . 2.22 -19.76 -5.69
C7N NAD F . 3.25 -20.89 -6.07
O7N NAD F . 4.34 -20.61 -6.47
N7N NAD F . 2.85 -22.33 -5.94
C4N NAD F . 2.62 -18.46 -5.56
C5N NAD F . 1.69 -17.49 -5.24
C6N NAD F . 0.35 -17.85 -5.04
CL CL G . -6.71 -36.90 -8.84
#